data_2MGW
#
_entry.id   2MGW
#
_cell.length_a   1.000
_cell.length_b   1.000
_cell.length_c   1.000
_cell.angle_alpha   90.00
_cell.angle_beta   90.00
_cell.angle_gamma   90.00
#
_symmetry.space_group_name_H-M   'P 1'
#
_entity_poly.entity_id   1
_entity_poly.type   'polypeptide(L)'
_entity_poly.pdbx_seq_one_letter_code
;GPLGSSEDQTAALMAHLFEMGFCDRQLNLRLLKKHNYNILQVVTELLQLNNN
;
_entity_poly.pdbx_strand_id   A
#
# COMPACT_ATOMS: atom_id res chain seq x y z
N GLY A 1 -25.06 -0.45 -8.73
CA GLY A 1 -23.64 -0.50 -8.45
C GLY A 1 -23.08 -1.91 -8.49
N PRO A 2 -21.75 -2.02 -8.43
CA PRO A 2 -21.07 -3.32 -8.47
C PRO A 2 -21.29 -4.12 -7.19
N LEU A 3 -20.99 -5.42 -7.25
CA LEU A 3 -21.16 -6.29 -6.10
C LEU A 3 -19.94 -6.23 -5.18
N GLY A 4 -18.75 -6.30 -5.76
CA GLY A 4 -17.53 -6.23 -4.98
C GLY A 4 -16.31 -5.91 -5.83
N SER A 5 -15.37 -5.17 -5.24
CA SER A 5 -14.15 -4.79 -5.95
C SER A 5 -13.27 -6.00 -6.20
N SER A 6 -12.12 -5.77 -6.83
CA SER A 6 -11.18 -6.84 -7.13
C SER A 6 -10.05 -6.89 -6.11
N GLU A 7 -10.03 -7.95 -5.31
CA GLU A 7 -9.00 -8.12 -4.29
C GLU A 7 -7.61 -8.12 -4.91
N ASP A 8 -7.53 -8.57 -6.16
CA ASP A 8 -6.25 -8.62 -6.87
C ASP A 8 -5.63 -7.24 -6.98
N GLN A 9 -6.48 -6.21 -6.97
CA GLN A 9 -6.01 -4.83 -7.07
C GLN A 9 -4.93 -4.55 -6.02
N THR A 10 -5.24 -4.82 -4.76
CA THR A 10 -4.30 -4.60 -3.67
C THR A 10 -2.97 -5.28 -3.94
N ALA A 11 -3.03 -6.51 -4.43
CA ALA A 11 -1.82 -7.27 -4.75
C ALA A 11 -0.90 -6.49 -5.68
N ALA A 12 -1.51 -5.69 -6.56
CA ALA A 12 -0.74 -4.89 -7.50
C ALA A 12 -0.12 -3.67 -6.82
N LEU A 13 -0.89 -3.04 -5.94
CA LEU A 13 -0.41 -1.86 -5.22
C LEU A 13 0.81 -2.21 -4.36
N MET A 14 0.79 -3.41 -3.79
CA MET A 14 1.90 -3.87 -2.94
C MET A 14 3.20 -3.91 -3.74
N ALA A 15 3.12 -4.30 -5.00
CA ALA A 15 4.29 -4.39 -5.85
C ALA A 15 4.91 -3.01 -6.07
N HIS A 16 4.08 -1.97 -6.00
CA HIS A 16 4.55 -0.61 -6.19
C HIS A 16 5.50 -0.20 -5.06
N LEU A 17 5.21 -0.67 -3.86
CA LEU A 17 6.05 -0.35 -2.70
C LEU A 17 7.32 -1.18 -2.70
N PHE A 18 7.17 -2.48 -2.98
CA PHE A 18 8.31 -3.39 -3.00
C PHE A 18 9.35 -2.94 -4.04
N GLU A 19 8.88 -2.23 -5.07
CA GLU A 19 9.76 -1.74 -6.11
C GLU A 19 10.75 -0.73 -5.56
N MET A 20 10.38 -0.08 -4.46
CA MET A 20 11.23 0.91 -3.82
C MET A 20 12.31 0.24 -2.97
N GLY A 21 11.91 -0.82 -2.26
CA GLY A 21 12.86 -1.53 -1.41
C GLY A 21 12.41 -1.58 0.03
N PHE A 22 11.10 -1.53 0.26
CA PHE A 22 10.55 -1.55 1.60
C PHE A 22 10.49 -2.98 2.13
N CYS A 23 9.81 -3.85 1.40
CA CYS A 23 9.67 -5.26 1.79
C CYS A 23 8.92 -5.37 3.12
N ASP A 24 7.76 -4.73 3.20
CA ASP A 24 6.95 -4.77 4.40
C ASP A 24 5.48 -4.97 4.06
N ARG A 25 5.10 -6.21 3.77
CA ARG A 25 3.73 -6.53 3.42
C ARG A 25 2.77 -6.16 4.56
N GLN A 26 3.30 -6.14 5.77
CA GLN A 26 2.50 -5.80 6.95
C GLN A 26 2.17 -4.31 6.96
N LEU A 27 3.16 -3.49 6.69
CA LEU A 27 2.98 -2.04 6.67
C LEU A 27 2.00 -1.63 5.56
N ASN A 28 2.28 -2.07 4.34
CA ASN A 28 1.44 -1.75 3.20
C ASN A 28 -0.02 -2.14 3.48
N LEU A 29 -0.19 -3.17 4.30
CA LEU A 29 -1.54 -3.63 4.65
C LEU A 29 -2.23 -2.68 5.61
N ARG A 30 -1.54 -2.33 6.70
CA ARG A 30 -2.08 -1.42 7.70
C ARG A 30 -2.20 0.00 7.12
N LEU A 31 -1.33 0.32 6.18
CA LEU A 31 -1.34 1.64 5.56
C LEU A 31 -2.53 1.78 4.60
N LEU A 32 -2.72 0.78 3.76
CA LEU A 32 -3.82 0.80 2.80
C LEU A 32 -5.14 1.10 3.49
N LYS A 33 -5.45 0.35 4.54
CA LYS A 33 -6.69 0.54 5.30
C LYS A 33 -6.70 1.90 5.98
N LYS A 34 -5.50 2.45 6.22
CA LYS A 34 -5.38 3.76 6.86
C LYS A 34 -5.73 4.88 5.88
N HIS A 35 -5.34 4.71 4.62
CA HIS A 35 -5.62 5.70 3.60
C HIS A 35 -6.81 5.30 2.75
N ASN A 36 -7.43 4.17 3.11
CA ASN A 36 -8.59 3.67 2.39
C ASN A 36 -8.21 3.26 0.96
N TYR A 37 -7.32 2.28 0.85
CA TYR A 37 -6.88 1.79 -0.45
C TYR A 37 -6.23 2.91 -1.25
N ASN A 38 -5.29 3.62 -0.63
CA ASN A 38 -4.60 4.72 -1.29
C ASN A 38 -3.09 4.45 -1.36
N ILE A 39 -2.67 3.69 -2.36
CA ILE A 39 -1.27 3.36 -2.54
C ILE A 39 -0.41 4.62 -2.54
N LEU A 40 -0.93 5.68 -3.15
CA LEU A 40 -0.21 6.94 -3.24
C LEU A 40 0.21 7.42 -1.85
N GLN A 41 -0.74 7.46 -0.93
CA GLN A 41 -0.48 7.89 0.44
C GLN A 41 0.32 6.83 1.20
N VAL A 42 0.08 5.57 0.86
CA VAL A 42 0.76 4.46 1.51
C VAL A 42 2.27 4.53 1.28
N VAL A 43 2.66 4.55 0.01
CA VAL A 43 4.07 4.63 -0.35
C VAL A 43 4.73 5.87 0.24
N THR A 44 4.04 6.99 0.16
CA THR A 44 4.55 8.25 0.70
C THR A 44 4.77 8.17 2.20
N GLU A 45 3.94 7.37 2.87
CA GLU A 45 4.05 7.20 4.32
C GLU A 45 5.31 6.42 4.68
N LEU A 46 5.43 5.22 4.15
CA LEU A 46 6.59 4.38 4.42
C LEU A 46 7.89 5.14 4.13
N LEU A 47 7.87 5.96 3.09
CA LEU A 47 9.05 6.74 2.72
C LEU A 47 9.40 7.75 3.81
N GLN A 48 8.48 8.67 4.08
CA GLN A 48 8.71 9.69 5.09
C GLN A 48 9.01 9.06 6.44
N LEU A 49 8.15 8.14 6.87
CA LEU A 49 8.33 7.45 8.14
C LEU A 49 9.73 6.83 8.23
N ASN A 50 10.22 6.34 7.10
CA ASN A 50 11.54 5.72 7.05
C ASN A 50 12.57 6.67 6.45
N ASN A 51 12.32 7.97 6.59
CA ASN A 51 13.22 9.00 6.07
C ASN A 51 14.57 8.96 6.79
N ASN A 52 14.51 8.73 8.10
CA ASN A 52 15.73 8.67 8.92
C ASN A 52 16.74 7.70 8.31
N GLY A 1 -17.53 -3.10 -6.44
CA GLY A 1 -18.41 -2.40 -5.52
C GLY A 1 -17.67 -1.32 -4.74
N PRO A 2 -18.39 -0.68 -3.80
CA PRO A 2 -17.81 0.39 -2.98
C PRO A 2 -16.78 -0.14 -1.99
N LEU A 3 -16.79 -1.45 -1.76
CA LEU A 3 -15.84 -2.07 -0.84
C LEU A 3 -14.67 -2.68 -1.59
N GLY A 4 -14.97 -3.35 -2.71
CA GLY A 4 -13.92 -3.97 -3.50
C GLY A 4 -14.42 -5.14 -4.31
N SER A 5 -14.12 -5.13 -5.61
CA SER A 5 -14.56 -6.20 -6.50
C SER A 5 -13.41 -7.17 -6.78
N SER A 6 -12.31 -6.63 -7.28
CA SER A 6 -11.14 -7.46 -7.60
C SER A 6 -10.02 -7.23 -6.58
N GLU A 7 -9.64 -8.31 -5.89
CA GLU A 7 -8.59 -8.22 -4.88
C GLU A 7 -7.22 -8.22 -5.54
N ASP A 8 -7.13 -8.81 -6.73
CA ASP A 8 -5.87 -8.89 -7.46
C ASP A 8 -5.25 -7.50 -7.61
N GLN A 9 -6.10 -6.47 -7.64
CA GLN A 9 -5.64 -5.10 -7.79
C GLN A 9 -4.57 -4.78 -6.74
N THR A 10 -4.88 -5.07 -5.48
CA THR A 10 -3.95 -4.81 -4.39
C THR A 10 -2.60 -5.47 -4.65
N ALA A 11 -2.63 -6.63 -5.28
CA ALA A 11 -1.40 -7.38 -5.58
C ALA A 11 -0.47 -6.54 -6.44
N ALA A 12 -1.03 -5.74 -7.34
CA ALA A 12 -0.24 -4.88 -8.21
C ALA A 12 0.35 -3.70 -7.45
N LEU A 13 -0.47 -3.11 -6.58
CA LEU A 13 -0.03 -1.96 -5.79
C LEU A 13 1.06 -2.37 -4.80
N MET A 14 0.98 -3.60 -4.31
CA MET A 14 1.96 -4.12 -3.37
C MET A 14 3.35 -4.13 -3.99
N ALA A 15 3.42 -4.41 -5.29
CA ALA A 15 4.69 -4.46 -6.01
C ALA A 15 5.32 -3.08 -6.10
N HIS A 16 4.48 -2.04 -6.09
CA HIS A 16 4.96 -0.67 -6.17
C HIS A 16 5.82 -0.32 -4.96
N LEU A 17 5.45 -0.87 -3.81
CA LEU A 17 6.19 -0.61 -2.57
C LEU A 17 7.47 -1.44 -2.51
N PHE A 18 7.35 -2.71 -2.88
CA PHE A 18 8.50 -3.61 -2.88
C PHE A 18 9.60 -3.09 -3.80
N GLU A 19 9.20 -2.35 -4.82
CA GLU A 19 10.15 -1.79 -5.78
C GLU A 19 11.13 -0.85 -5.09
N MET A 20 10.72 -0.32 -3.94
CA MET A 20 11.57 0.59 -3.18
C MET A 20 12.49 -0.17 -2.23
N GLY A 21 11.96 -1.24 -1.64
CA GLY A 21 12.74 -2.04 -0.73
C GLY A 21 12.06 -2.22 0.62
N PHE A 22 10.84 -1.73 0.73
CA PHE A 22 10.07 -1.84 1.96
C PHE A 22 9.97 -3.29 2.41
N CYS A 23 9.30 -4.12 1.60
CA CYS A 23 9.13 -5.52 1.91
C CYS A 23 8.29 -5.70 3.18
N ASP A 24 7.14 -5.04 3.22
CA ASP A 24 6.25 -5.12 4.37
C ASP A 24 4.81 -5.31 3.93
N ARG A 25 4.46 -6.54 3.56
CA ARG A 25 3.11 -6.86 3.11
C ARG A 25 2.09 -6.51 4.19
N GLN A 26 2.53 -6.52 5.45
CA GLN A 26 1.64 -6.19 6.57
C GLN A 26 1.31 -4.71 6.59
N LEU A 27 2.34 -3.88 6.43
CA LEU A 27 2.15 -2.43 6.44
C LEU A 27 1.31 -1.99 5.25
N ASN A 28 1.70 -2.40 4.06
CA ASN A 28 0.97 -2.05 2.84
C ASN A 28 -0.50 -2.42 2.97
N LEU A 29 -0.79 -3.45 3.76
CA LEU A 29 -2.16 -3.90 3.97
C LEU A 29 -2.91 -2.95 4.88
N ARG A 30 -2.32 -2.64 6.04
CA ARG A 30 -2.94 -1.74 7.00
C ARG A 30 -3.00 -0.32 6.46
N LEU A 31 -2.04 0.02 5.60
CA LEU A 31 -1.98 1.35 5.00
C LEU A 31 -3.05 1.52 3.95
N LEU A 32 -3.16 0.55 3.05
CA LEU A 32 -4.15 0.59 1.98
C LEU A 32 -5.54 0.88 2.54
N LYS A 33 -5.93 0.12 3.55
CA LYS A 33 -7.24 0.29 4.18
C LYS A 33 -7.33 1.64 4.88
N LYS A 34 -6.18 2.19 5.23
CA LYS A 34 -6.13 3.49 5.91
C LYS A 34 -6.39 4.62 4.92
N HIS A 35 -5.83 4.51 3.72
CA HIS A 35 -6.01 5.53 2.69
C HIS A 35 -7.12 5.13 1.73
N ASN A 36 -7.75 3.98 1.99
CA ASN A 36 -8.82 3.48 1.14
C ASN A 36 -8.30 3.13 -0.24
N TYR A 37 -7.42 2.14 -0.31
CA TYR A 37 -6.85 1.70 -1.57
C TYR A 37 -6.12 2.85 -2.26
N ASN A 38 -5.24 3.51 -1.52
CA ASN A 38 -4.48 4.63 -2.07
C ASN A 38 -2.98 4.37 -1.97
N ILE A 39 -2.46 3.61 -2.93
CA ILE A 39 -1.04 3.28 -2.96
C ILE A 39 -0.18 4.53 -2.87
N LEU A 40 -0.63 5.60 -3.52
CA LEU A 40 0.10 6.87 -3.51
C LEU A 40 0.38 7.32 -2.09
N GLN A 41 -0.67 7.36 -1.27
CA GLN A 41 -0.54 7.77 0.12
C GLN A 41 0.16 6.70 0.95
N VAL A 42 -0.06 5.45 0.58
CA VAL A 42 0.55 4.32 1.29
C VAL A 42 2.07 4.39 1.23
N VAL A 43 2.62 4.42 0.01
CA VAL A 43 4.05 4.49 -0.18
C VAL A 43 4.65 5.70 0.53
N THR A 44 3.98 6.85 0.37
CA THR A 44 4.44 8.08 1.00
C THR A 44 4.54 7.93 2.51
N GLU A 45 3.67 7.11 3.08
CA GLU A 45 3.65 6.88 4.51
C GLU A 45 4.85 6.05 4.95
N LEU A 46 4.98 4.86 4.38
CA LEU A 46 6.09 3.96 4.71
C LEU A 46 7.43 4.68 4.54
N LEU A 47 7.49 5.57 3.56
CA LEU A 47 8.71 6.32 3.30
C LEU A 47 8.93 7.41 4.36
N GLN A 48 7.95 8.29 4.51
CA GLN A 48 8.05 9.36 5.49
C GLN A 48 8.34 8.81 6.88
N LEU A 49 7.59 7.79 7.27
CA LEU A 49 7.78 7.16 8.58
C LEU A 49 9.22 6.69 8.76
N ASN A 50 9.83 6.27 7.67
CA ASN A 50 11.22 5.79 7.71
C ASN A 50 12.18 6.88 7.24
N ASN A 51 11.78 8.14 7.42
CA ASN A 51 12.60 9.27 7.02
C ASN A 51 13.08 10.06 8.23
N ASN A 52 12.14 10.60 8.99
CA ASN A 52 12.46 11.38 10.18
C ASN A 52 12.55 10.48 11.41
N GLY A 1 -23.49 0.31 -4.75
CA GLY A 1 -22.25 0.55 -4.02
C GLY A 1 -21.59 -0.75 -3.58
N PRO A 2 -20.97 -1.46 -4.54
CA PRO A 2 -20.29 -2.73 -4.28
C PRO A 2 -19.01 -2.54 -3.46
N LEU A 3 -18.69 -3.53 -2.64
CA LEU A 3 -17.50 -3.48 -1.81
C LEU A 3 -16.49 -4.54 -2.22
N GLY A 4 -15.33 -4.10 -2.71
CA GLY A 4 -14.31 -5.02 -3.14
C GLY A 4 -14.69 -5.78 -4.40
N SER A 5 -14.16 -5.34 -5.53
CA SER A 5 -14.47 -5.98 -6.81
C SER A 5 -13.44 -7.06 -7.13
N SER A 6 -12.16 -6.73 -6.95
CA SER A 6 -11.08 -7.67 -7.22
C SER A 6 -9.91 -7.45 -6.26
N GLU A 7 -9.46 -8.53 -5.64
CA GLU A 7 -8.35 -8.46 -4.69
C GLU A 7 -7.01 -8.37 -5.42
N ASP A 8 -6.98 -8.90 -6.64
CA ASP A 8 -5.76 -8.89 -7.44
C ASP A 8 -5.19 -7.48 -7.54
N GLN A 9 -6.07 -6.49 -7.50
CA GLN A 9 -5.66 -5.10 -7.59
C GLN A 9 -4.64 -4.76 -6.51
N THR A 10 -4.98 -5.06 -5.26
CA THR A 10 -4.08 -4.79 -4.14
C THR A 10 -2.72 -5.44 -4.35
N ALA A 11 -2.72 -6.63 -4.95
CA ALA A 11 -1.49 -7.36 -5.21
C ALA A 11 -0.56 -6.54 -6.10
N ALA A 12 -1.14 -5.79 -7.03
CA ALA A 12 -0.36 -4.96 -7.94
C ALA A 12 0.24 -3.75 -7.22
N LEU A 13 -0.57 -3.10 -6.38
CA LEU A 13 -0.12 -1.94 -5.63
C LEU A 13 1.02 -2.31 -4.69
N MET A 14 0.90 -3.47 -4.05
CA MET A 14 1.93 -3.94 -3.13
C MET A 14 3.29 -4.04 -3.82
N ALA A 15 3.26 -4.40 -5.11
CA ALA A 15 4.49 -4.53 -5.88
C ALA A 15 5.17 -3.18 -6.08
N HIS A 16 4.37 -2.12 -6.06
CA HIS A 16 4.90 -0.76 -6.23
C HIS A 16 5.78 -0.37 -5.06
N LEU A 17 5.43 -0.85 -3.87
CA LEU A 17 6.19 -0.54 -2.67
C LEU A 17 7.46 -1.40 -2.60
N PHE A 18 7.32 -2.68 -2.88
CA PHE A 18 8.44 -3.60 -2.85
C PHE A 18 9.54 -3.15 -3.82
N GLU A 19 9.13 -2.45 -4.87
CA GLU A 19 10.08 -1.96 -5.87
C GLU A 19 11.02 -0.92 -5.25
N MET A 20 10.58 -0.28 -4.18
CA MET A 20 11.38 0.73 -3.50
C MET A 20 12.40 0.08 -2.57
N GLY A 21 11.98 -0.97 -1.87
CA GLY A 21 12.86 -1.66 -0.96
C GLY A 21 12.32 -1.71 0.46
N PHE A 22 10.99 -1.70 0.58
CA PHE A 22 10.34 -1.74 1.89
C PHE A 22 10.27 -3.17 2.41
N CYS A 23 9.66 -4.06 1.64
CA CYS A 23 9.53 -5.46 2.03
C CYS A 23 8.68 -5.59 3.29
N ASP A 24 7.52 -4.94 3.28
CA ASP A 24 6.61 -4.98 4.42
C ASP A 24 5.17 -5.16 3.94
N ARG A 25 4.80 -6.39 3.62
CA ARG A 25 3.46 -6.70 3.16
C ARG A 25 2.43 -6.39 4.23
N GLN A 26 2.87 -6.43 5.49
CA GLN A 26 1.98 -6.15 6.62
C GLN A 26 1.63 -4.66 6.68
N LEU A 27 2.60 -3.82 6.36
CA LEU A 27 2.40 -2.38 6.38
C LEU A 27 1.53 -1.93 5.20
N ASN A 28 1.92 -2.35 4.00
CA ASN A 28 1.18 -2.00 2.79
C ASN A 28 -0.30 -2.35 2.94
N LEU A 29 -0.59 -3.38 3.74
CA LEU A 29 -1.96 -3.83 3.96
C LEU A 29 -2.68 -2.88 4.91
N ARG A 30 -2.07 -2.61 6.05
CA ARG A 30 -2.66 -1.72 7.05
C ARG A 30 -2.73 -0.29 6.52
N LEU A 31 -1.80 0.05 5.64
CA LEU A 31 -1.76 1.39 5.05
C LEU A 31 -2.87 1.59 4.04
N LEU A 32 -3.03 0.62 3.15
CA LEU A 32 -4.07 0.68 2.13
C LEU A 32 -5.42 0.99 2.74
N LYS A 33 -5.82 0.19 3.74
CA LYS A 33 -7.09 0.38 4.42
C LYS A 33 -7.13 1.74 5.12
N LYS A 34 -5.96 2.27 5.44
CA LYS A 34 -5.86 3.57 6.11
C LYS A 34 -6.16 4.70 5.14
N HIS A 35 -5.61 4.60 3.93
CA HIS A 35 -5.82 5.62 2.91
C HIS A 35 -6.98 5.25 1.99
N ASN A 36 -7.61 4.12 2.28
CA ASN A 36 -8.73 3.64 1.47
C ASN A 36 -8.26 3.26 0.07
N TYR A 37 -7.39 2.26 -0.01
CA TYR A 37 -6.86 1.80 -1.29
C TYR A 37 -6.14 2.93 -2.02
N ASN A 38 -5.23 3.60 -1.31
CA ASN A 38 -4.47 4.70 -1.89
C ASN A 38 -2.97 4.40 -1.85
N ILE A 39 -2.50 3.64 -2.84
CA ILE A 39 -1.09 3.28 -2.92
C ILE A 39 -0.21 4.52 -2.86
N LEU A 40 -0.66 5.60 -3.50
CA LEU A 40 0.09 6.85 -3.51
C LEU A 40 0.43 7.30 -2.09
N GLN A 41 -0.59 7.35 -1.24
CA GLN A 41 -0.39 7.76 0.15
C GLN A 41 0.31 6.67 0.95
N VAL A 42 0.07 5.42 0.58
CA VAL A 42 0.68 4.29 1.26
C VAL A 42 2.19 4.34 1.15
N VAL A 43 2.70 4.34 -0.08
CA VAL A 43 4.13 4.39 -0.33
C VAL A 43 4.76 5.60 0.35
N THR A 44 4.18 6.77 0.11
CA THR A 44 4.70 8.01 0.71
C THR A 44 4.77 7.89 2.22
N GLU A 45 3.86 7.13 2.81
CA GLU A 45 3.82 6.94 4.26
C GLU A 45 5.02 6.13 4.73
N LEU A 46 5.15 4.92 4.18
CA LEU A 46 6.26 4.04 4.54
C LEU A 46 7.60 4.76 4.40
N LEU A 47 7.73 5.56 3.36
CA LEU A 47 8.96 6.30 3.10
C LEU A 47 9.24 7.27 4.25
N GLN A 48 8.36 8.24 4.44
CA GLN A 48 8.52 9.23 5.49
C GLN A 48 8.67 8.56 6.85
N LEU A 49 7.75 7.65 7.16
CA LEU A 49 7.78 6.94 8.43
C LEU A 49 9.15 6.29 8.66
N ASN A 50 9.71 5.72 7.60
CA ASN A 50 11.01 5.07 7.69
C ASN A 50 12.05 6.02 8.26
N ASN A 51 11.85 7.31 8.05
CA ASN A 51 12.78 8.32 8.54
C ASN A 51 12.36 8.81 9.92
N ASN A 52 11.17 9.40 10.00
CA ASN A 52 10.65 9.93 11.26
C ASN A 52 9.99 8.82 12.07
N GLY A 1 -12.42 0.41 -5.23
CA GLY A 1 -13.00 1.17 -6.34
C GLY A 1 -14.33 1.77 -5.98
N PRO A 2 -15.06 2.25 -7.01
CA PRO A 2 -16.38 2.87 -6.82
C PRO A 2 -17.45 1.85 -6.42
N LEU A 3 -17.31 0.63 -6.93
CA LEU A 3 -18.26 -0.44 -6.62
C LEU A 3 -17.59 -1.80 -6.73
N GLY A 4 -17.53 -2.51 -5.60
CA GLY A 4 -16.92 -3.83 -5.59
C GLY A 4 -15.43 -3.78 -5.29
N SER A 5 -14.91 -4.84 -4.66
CA SER A 5 -13.51 -4.90 -4.31
C SER A 5 -13.05 -6.35 -4.16
N SER A 6 -11.73 -6.55 -4.18
CA SER A 6 -11.17 -7.89 -4.05
C SER A 6 -9.72 -7.83 -3.59
N GLU A 7 -9.32 -8.78 -2.77
CA GLU A 7 -7.95 -8.84 -2.25
C GLU A 7 -6.94 -8.90 -3.40
N ASP A 8 -7.37 -9.43 -4.54
CA ASP A 8 -6.51 -9.54 -5.71
C ASP A 8 -5.88 -8.19 -6.05
N GLN A 9 -6.62 -7.12 -5.82
CA GLN A 9 -6.14 -5.78 -6.10
C GLN A 9 -4.93 -5.44 -5.23
N THR A 10 -5.07 -5.67 -3.93
CA THR A 10 -4.00 -5.40 -2.98
C THR A 10 -2.69 -6.05 -3.41
N ALA A 11 -2.80 -7.23 -4.02
CA ALA A 11 -1.64 -7.96 -4.49
C ALA A 11 -0.85 -7.15 -5.51
N ALA A 12 -1.57 -6.40 -6.34
CA ALA A 12 -0.93 -5.57 -7.36
C ALA A 12 -0.34 -4.31 -6.76
N LEU A 13 -1.06 -3.71 -5.81
CA LEU A 13 -0.60 -2.50 -5.15
C LEU A 13 0.65 -2.77 -4.32
N MET A 14 0.69 -3.93 -3.69
CA MET A 14 1.83 -4.32 -2.86
C MET A 14 3.12 -4.32 -3.68
N ALA A 15 3.01 -4.72 -4.94
CA ALA A 15 4.15 -4.77 -5.84
C ALA A 15 4.67 -3.37 -6.15
N HIS A 16 3.77 -2.38 -6.11
CA HIS A 16 4.12 -1.01 -6.39
C HIS A 16 5.09 -0.47 -5.33
N LEU A 17 4.91 -0.90 -4.09
CA LEU A 17 5.76 -0.47 -2.99
C LEU A 17 7.10 -1.19 -3.02
N PHE A 18 7.04 -2.50 -3.23
CA PHE A 18 8.26 -3.32 -3.28
C PHE A 18 9.22 -2.80 -4.34
N GLU A 19 8.67 -2.16 -5.38
CA GLU A 19 9.48 -1.61 -6.45
C GLU A 19 10.41 -0.52 -5.94
N MET A 20 10.02 0.10 -4.82
CA MET A 20 10.82 1.17 -4.23
C MET A 20 11.95 0.59 -3.39
N GLY A 21 11.67 -0.48 -2.67
CA GLY A 21 12.68 -1.11 -1.83
C GLY A 21 12.29 -1.15 -0.37
N PHE A 22 10.99 -1.17 -0.11
CA PHE A 22 10.49 -1.20 1.26
C PHE A 22 10.53 -2.62 1.82
N CYS A 23 9.87 -3.55 1.13
CA CYS A 23 9.83 -4.94 1.56
C CYS A 23 9.13 -5.07 2.90
N ASP A 24 7.93 -4.52 3.01
CA ASP A 24 7.15 -4.58 4.24
C ASP A 24 5.69 -4.89 3.94
N ARG A 25 5.41 -6.17 3.70
CA ARG A 25 4.05 -6.60 3.41
C ARG A 25 3.11 -6.27 4.56
N GLN A 26 3.67 -6.19 5.76
CA GLN A 26 2.88 -5.88 6.95
C GLN A 26 2.43 -4.43 6.94
N LEU A 27 3.35 -3.53 6.60
CA LEU A 27 3.05 -2.10 6.56
C LEU A 27 2.03 -1.79 5.46
N ASN A 28 2.34 -2.24 4.25
CA ASN A 28 1.45 -2.02 3.10
C ASN A 28 0.03 -2.49 3.41
N LEU A 29 -0.06 -3.50 4.27
CA LEU A 29 -1.36 -4.06 4.65
C LEU A 29 -2.10 -3.12 5.60
N ARG A 30 -1.42 -2.71 6.66
CA ARG A 30 -2.01 -1.81 7.64
C ARG A 30 -2.24 -0.42 7.05
N LEU A 31 -1.41 -0.06 6.08
CA LEU A 31 -1.52 1.24 5.42
C LEU A 31 -2.73 1.27 4.49
N LEU A 32 -2.87 0.23 3.67
CA LEU A 32 -3.98 0.14 2.73
C LEU A 32 -5.32 0.29 3.45
N LYS A 33 -5.47 -0.45 4.54
CA LYS A 33 -6.70 -0.41 5.33
C LYS A 33 -6.89 0.96 5.98
N LYS A 34 -5.78 1.67 6.18
CA LYS A 34 -5.83 3.00 6.78
C LYS A 34 -6.32 4.04 5.77
N HIS A 35 -5.78 3.98 4.56
CA HIS A 35 -6.17 4.91 3.51
C HIS A 35 -7.33 4.36 2.70
N ASN A 36 -7.78 3.17 3.06
CA ASN A 36 -8.89 2.53 2.36
C ASN A 36 -8.50 2.17 0.92
N TYR A 37 -7.60 1.20 0.79
CA TYR A 37 -7.14 0.77 -0.52
C TYR A 37 -6.61 1.94 -1.33
N ASN A 38 -5.72 2.72 -0.73
CA ASN A 38 -5.14 3.89 -1.38
C ASN A 38 -3.62 3.75 -1.51
N ILE A 39 -3.18 2.96 -2.48
CA ILE A 39 -1.76 2.75 -2.70
C ILE A 39 -1.00 4.06 -2.78
N LEU A 40 -1.63 5.06 -3.42
CA LEU A 40 -1.02 6.37 -3.57
C LEU A 40 -0.59 6.94 -2.21
N GLN A 41 -1.53 6.95 -1.26
CA GLN A 41 -1.25 7.46 0.07
C GLN A 41 -0.38 6.48 0.85
N VAL A 42 -0.56 5.19 0.58
CA VAL A 42 0.21 4.15 1.26
C VAL A 42 1.71 4.33 1.02
N VAL A 43 2.10 4.30 -0.24
CA VAL A 43 3.51 4.46 -0.60
C VAL A 43 4.08 5.76 -0.04
N THR A 44 3.27 6.82 -0.09
CA THR A 44 3.69 8.12 0.41
C THR A 44 3.94 8.07 1.92
N GLU A 45 3.19 7.23 2.61
CA GLU A 45 3.32 7.09 4.06
C GLU A 45 4.65 6.43 4.42
N LEU A 46 4.89 5.25 3.85
CA LEU A 46 6.10 4.50 4.10
C LEU A 46 7.34 5.36 3.82
N LEU A 47 7.26 6.16 2.77
CA LEU A 47 8.37 7.04 2.40
C LEU A 47 8.63 8.08 3.48
N GLN A 48 7.64 8.93 3.74
CA GLN A 48 7.76 9.96 4.75
C GLN A 48 8.14 9.36 6.10
N LEU A 49 7.37 8.36 6.54
CA LEU A 49 7.63 7.70 7.81
C LEU A 49 9.07 7.22 7.90
N ASN A 50 9.55 6.60 6.82
CA ASN A 50 10.92 6.10 6.77
C ASN A 50 11.92 7.23 6.98
N ASN A 51 11.57 8.43 6.52
CA ASN A 51 12.44 9.59 6.66
C ASN A 51 12.70 9.90 8.12
N ASN A 52 11.64 10.27 8.84
CA ASN A 52 11.75 10.60 10.26
C ASN A 52 11.08 9.54 11.12
N GLY A 1 -15.61 -1.79 -4.75
CA GLY A 1 -16.53 -0.85 -4.14
C GLY A 1 -17.71 -0.51 -5.02
N PRO A 2 -17.45 0.25 -6.09
CA PRO A 2 -18.49 0.68 -7.04
C PRO A 2 -19.00 -0.49 -7.89
N LEU A 3 -18.14 -1.49 -8.08
CA LEU A 3 -18.52 -2.66 -8.87
C LEU A 3 -18.13 -3.95 -8.14
N GLY A 4 -16.83 -4.13 -7.92
CA GLY A 4 -16.35 -5.32 -7.23
C GLY A 4 -15.04 -5.09 -6.52
N SER A 5 -14.86 -5.74 -5.37
CA SER A 5 -13.64 -5.59 -4.59
C SER A 5 -13.02 -6.96 -4.31
N SER A 6 -11.88 -7.23 -4.95
CA SER A 6 -11.19 -8.50 -4.77
C SER A 6 -9.84 -8.29 -4.09
N GLU A 7 -9.40 -9.29 -3.33
CA GLU A 7 -8.13 -9.21 -2.63
C GLU A 7 -6.98 -9.07 -3.61
N ASP A 8 -7.14 -9.65 -4.79
CA ASP A 8 -6.11 -9.59 -5.83
C ASP A 8 -5.68 -8.14 -6.08
N GLN A 9 -6.60 -7.21 -5.88
CA GLN A 9 -6.32 -5.80 -6.09
C GLN A 9 -5.16 -5.34 -5.22
N THR A 10 -5.27 -5.55 -3.91
CA THR A 10 -4.23 -5.17 -2.98
C THR A 10 -2.88 -5.76 -3.37
N ALA A 11 -2.90 -7.02 -3.82
CA ALA A 11 -1.69 -7.70 -4.24
C ALA A 11 -0.92 -6.88 -5.26
N ALA A 12 -1.65 -6.18 -6.13
CA ALA A 12 -1.03 -5.35 -7.15
C ALA A 12 -0.47 -4.05 -6.56
N LEU A 13 -1.22 -3.49 -5.61
CA LEU A 13 -0.81 -2.25 -4.95
C LEU A 13 0.48 -2.45 -4.16
N MET A 14 0.59 -3.61 -3.51
CA MET A 14 1.77 -3.93 -2.72
C MET A 14 3.03 -3.93 -3.58
N ALA A 15 2.88 -4.40 -4.82
CA ALA A 15 4.00 -4.46 -5.75
C ALA A 15 4.53 -3.07 -6.07
N HIS A 16 3.65 -2.08 -5.98
CA HIS A 16 4.02 -0.70 -6.26
C HIS A 16 5.01 -0.19 -5.24
N LEU A 17 4.83 -0.59 -3.99
CA LEU A 17 5.70 -0.17 -2.90
C LEU A 17 7.02 -0.95 -2.93
N PHE A 18 6.92 -2.26 -3.13
CA PHE A 18 8.11 -3.10 -3.19
C PHE A 18 9.07 -2.63 -4.28
N GLU A 19 8.52 -2.00 -5.31
CA GLU A 19 9.32 -1.50 -6.41
C GLU A 19 10.25 -0.38 -5.95
N MET A 20 9.89 0.26 -4.84
CA MET A 20 10.70 1.35 -4.30
C MET A 20 11.86 0.80 -3.47
N GLY A 21 11.59 -0.26 -2.71
CA GLY A 21 12.63 -0.86 -1.89
C GLY A 21 12.25 -0.89 -0.41
N PHE A 22 10.95 -0.95 -0.14
CA PHE A 22 10.46 -0.98 1.23
C PHE A 22 10.51 -2.40 1.79
N CYS A 23 9.82 -3.31 1.12
CA CYS A 23 9.77 -4.71 1.55
C CYS A 23 9.11 -4.84 2.92
N ASP A 24 7.99 -4.13 3.09
CA ASP A 24 7.26 -4.16 4.35
C ASP A 24 5.79 -4.48 4.11
N ARG A 25 5.49 -5.75 3.89
CA ARG A 25 4.12 -6.19 3.65
C ARG A 25 3.22 -5.80 4.81
N GLN A 26 3.80 -5.67 6.00
CA GLN A 26 3.04 -5.30 7.20
C GLN A 26 2.61 -3.84 7.14
N LEU A 27 3.56 -2.96 6.79
CA LEU A 27 3.27 -1.54 6.70
C LEU A 27 2.21 -1.26 5.64
N ASN A 28 2.44 -1.76 4.43
CA ASN A 28 1.49 -1.57 3.34
C ASN A 28 0.10 -2.04 3.73
N LEU A 29 0.04 -3.01 4.63
CA LEU A 29 -1.24 -3.55 5.09
C LEU A 29 -1.93 -2.57 6.03
N ARG A 30 -1.19 -2.12 7.05
CA ARG A 30 -1.73 -1.18 8.03
C ARG A 30 -1.99 0.18 7.39
N LEU A 31 -1.20 0.51 6.36
CA LEU A 31 -1.35 1.78 5.67
C LEU A 31 -2.60 1.79 4.79
N LEU A 32 -2.77 0.74 4.01
CA LEU A 32 -3.93 0.62 3.13
C LEU A 32 -5.22 0.86 3.89
N LYS A 33 -5.39 0.15 5.00
CA LYS A 33 -6.58 0.29 5.82
C LYS A 33 -6.67 1.69 6.42
N LYS A 34 -5.53 2.35 6.54
CA LYS A 34 -5.47 3.70 7.09
C LYS A 34 -5.99 4.72 6.08
N HIS A 35 -5.58 4.57 4.82
CA HIS A 35 -6.00 5.47 3.77
C HIS A 35 -7.22 4.92 3.03
N ASN A 36 -7.70 3.76 3.49
CA ASN A 36 -8.86 3.13 2.87
C ASN A 36 -8.56 2.68 1.44
N TYR A 37 -7.61 1.75 1.31
CA TYR A 37 -7.22 1.24 0.01
C TYR A 37 -6.71 2.37 -0.88
N ASN A 38 -5.78 3.16 -0.35
CA ASN A 38 -5.19 4.27 -1.09
C ASN A 38 -3.69 4.09 -1.25
N ILE A 39 -3.28 3.29 -2.22
CA ILE A 39 -1.87 3.04 -2.47
C ILE A 39 -1.10 4.35 -2.62
N LEU A 40 -1.72 5.34 -3.26
CA LEU A 40 -1.09 6.63 -3.46
C LEU A 40 -0.63 7.22 -2.13
N GLN A 41 -1.53 7.26 -1.16
CA GLN A 41 -1.21 7.80 0.16
C GLN A 41 -0.30 6.84 0.93
N VAL A 42 -0.48 5.55 0.70
CA VAL A 42 0.32 4.53 1.36
C VAL A 42 1.80 4.70 1.05
N VAL A 43 2.13 4.63 -0.24
CA VAL A 43 3.52 4.77 -0.68
C VAL A 43 4.12 6.07 -0.17
N THR A 44 3.42 7.18 -0.40
CA THR A 44 3.88 8.48 0.03
C THR A 44 4.17 8.51 1.53
N GLU A 45 3.41 7.71 2.28
CA GLU A 45 3.59 7.64 3.72
C GLU A 45 4.91 6.96 4.07
N LEU A 46 5.07 5.72 3.60
CA LEU A 46 6.28 4.95 3.87
C LEU A 46 7.52 5.75 3.49
N LEU A 47 7.43 6.49 2.39
CA LEU A 47 8.55 7.30 1.92
C LEU A 47 8.91 8.39 2.93
N GLN A 48 7.96 9.29 3.19
CA GLN A 48 8.17 10.37 4.14
C GLN A 48 8.57 9.82 5.50
N LEU A 49 7.79 8.88 6.02
CA LEU A 49 8.06 8.28 7.32
C LEU A 49 9.46 7.67 7.35
N ASN A 50 9.79 6.88 6.33
CA ASN A 50 11.09 6.24 6.26
C ASN A 50 11.44 5.55 7.57
N ASN A 51 10.42 5.07 8.26
CA ASN A 51 10.62 4.38 9.54
C ASN A 51 11.66 3.27 9.40
N ASN A 52 11.56 2.51 8.31
CA ASN A 52 12.48 1.41 8.06
C ASN A 52 13.80 1.93 7.49
N GLY A 1 -14.42 -1.94 -9.34
CA GLY A 1 -15.80 -2.27 -9.61
C GLY A 1 -16.78 -1.35 -8.89
N PRO A 2 -18.08 -1.54 -9.13
CA PRO A 2 -19.13 -0.74 -8.52
C PRO A 2 -19.27 -1.00 -7.02
N LEU A 3 -18.59 -0.19 -6.22
CA LEU A 3 -18.63 -0.34 -4.77
C LEU A 3 -18.24 -1.75 -4.36
N GLY A 4 -17.23 -2.29 -5.02
CA GLY A 4 -16.75 -3.63 -4.70
C GLY A 4 -15.28 -3.81 -5.00
N SER A 5 -14.45 -3.72 -3.97
CA SER A 5 -13.01 -3.88 -4.12
C SER A 5 -12.62 -5.35 -4.16
N SER A 6 -11.34 -5.62 -4.38
CA SER A 6 -10.84 -6.98 -4.45
C SER A 6 -9.40 -7.06 -3.96
N GLU A 7 -8.98 -8.24 -3.54
CA GLU A 7 -7.63 -8.46 -3.04
C GLU A 7 -6.64 -8.58 -4.19
N ASP A 8 -7.14 -8.98 -5.35
CA ASP A 8 -6.29 -9.14 -6.53
C ASP A 8 -5.48 -7.88 -6.80
N GLN A 9 -6.18 -6.77 -7.02
CA GLN A 9 -5.52 -5.50 -7.29
C GLN A 9 -4.49 -5.18 -6.21
N THR A 10 -4.86 -5.40 -4.95
CA THR A 10 -3.97 -5.13 -3.83
C THR A 10 -2.63 -5.84 -4.03
N ALA A 11 -2.68 -7.05 -4.56
CA ALA A 11 -1.47 -7.82 -4.80
C ALA A 11 -0.49 -7.06 -5.69
N ALA A 12 -1.03 -6.29 -6.62
CA ALA A 12 -0.20 -5.50 -7.53
C ALA A 12 0.37 -4.27 -6.84
N LEU A 13 -0.45 -3.63 -6.00
CA LEU A 13 -0.02 -2.45 -5.27
C LEU A 13 1.18 -2.75 -4.38
N MET A 14 1.17 -3.93 -3.77
CA MET A 14 2.26 -4.34 -2.90
C MET A 14 3.60 -4.27 -3.63
N ALA A 15 3.58 -4.60 -4.92
CA ALA A 15 4.79 -4.57 -5.73
C ALA A 15 5.31 -3.15 -5.89
N HIS A 16 4.40 -2.19 -5.93
CA HIS A 16 4.76 -0.79 -6.09
C HIS A 16 5.64 -0.32 -4.93
N LEU A 17 5.33 -0.83 -3.74
CA LEU A 17 6.10 -0.46 -2.55
C LEU A 17 7.44 -1.21 -2.51
N PHE A 18 7.39 -2.50 -2.80
CA PHE A 18 8.60 -3.32 -2.80
C PHE A 18 9.66 -2.74 -3.73
N GLU A 19 9.20 -2.03 -4.76
CA GLU A 19 10.12 -1.43 -5.73
C GLU A 19 10.96 -0.34 -5.06
N MET A 20 10.47 0.20 -3.95
CA MET A 20 11.19 1.23 -3.23
C MET A 20 12.23 0.62 -2.29
N GLY A 21 11.89 -0.49 -1.68
CA GLY A 21 12.81 -1.16 -0.77
C GLY A 21 12.20 -1.40 0.60
N PHE A 22 10.91 -1.11 0.73
CA PHE A 22 10.21 -1.30 1.99
C PHE A 22 10.19 -2.77 2.39
N CYS A 23 9.57 -3.60 1.56
CA CYS A 23 9.49 -5.03 1.82
C CYS A 23 8.69 -5.30 3.10
N ASP A 24 7.76 -4.41 3.41
CA ASP A 24 6.93 -4.56 4.60
C ASP A 24 5.49 -4.88 4.24
N ARG A 25 5.23 -6.14 3.91
CA ARG A 25 3.90 -6.58 3.53
C ARG A 25 2.89 -6.27 4.63
N GLN A 26 3.38 -6.20 5.87
CA GLN A 26 2.52 -5.91 7.01
C GLN A 26 2.08 -4.45 7.00
N LEU A 27 3.03 -3.55 6.79
CA LEU A 27 2.74 -2.12 6.77
C LEU A 27 1.79 -1.79 5.62
N ASN A 28 2.15 -2.21 4.42
CA ASN A 28 1.34 -1.95 3.23
C ASN A 28 -0.09 -2.44 3.45
N LEU A 29 -0.25 -3.46 4.28
CA LEU A 29 -1.57 -4.02 4.57
C LEU A 29 -2.35 -3.09 5.49
N ARG A 30 -1.74 -2.70 6.60
CA ARG A 30 -2.38 -1.82 7.56
C ARG A 30 -2.57 -0.43 6.97
N LEU A 31 -1.68 -0.05 6.06
CA LEU A 31 -1.75 1.26 5.43
C LEU A 31 -2.89 1.32 4.41
N LEU A 32 -2.96 0.31 3.56
CA LEU A 32 -4.00 0.24 2.54
C LEU A 32 -5.38 0.45 3.16
N LYS A 33 -5.71 -0.35 4.17
CA LYS A 33 -7.00 -0.25 4.84
C LYS A 33 -7.16 1.12 5.48
N LYS A 34 -6.05 1.76 5.83
CA LYS A 34 -6.08 3.08 6.44
C LYS A 34 -6.36 4.15 5.40
N HIS A 35 -5.77 4.00 4.22
CA HIS A 35 -5.97 4.96 3.14
C HIS A 35 -7.13 4.55 2.25
N ASN A 36 -7.76 3.42 2.59
CA ASN A 36 -8.88 2.91 1.82
C ASN A 36 -8.43 2.44 0.43
N TYR A 37 -7.49 1.51 0.41
CA TYR A 37 -6.97 0.98 -0.84
C TYR A 37 -6.36 2.09 -1.69
N ASN A 38 -5.49 2.89 -1.08
CA ASN A 38 -4.84 3.99 -1.77
C ASN A 38 -3.32 3.84 -1.75
N ILE A 39 -2.78 3.06 -2.68
CA ILE A 39 -1.35 2.83 -2.76
C ILE A 39 -0.59 4.14 -2.75
N LEU A 40 -1.12 5.14 -3.44
CA LEU A 40 -0.49 6.46 -3.52
C LEU A 40 -0.22 7.00 -2.13
N GLN A 41 -1.24 7.02 -1.29
CA GLN A 41 -1.11 7.52 0.07
C GLN A 41 -0.34 6.54 0.94
N VAL A 42 -0.48 5.25 0.64
CA VAL A 42 0.21 4.21 1.40
C VAL A 42 1.72 4.39 1.34
N VAL A 43 2.26 4.37 0.13
CA VAL A 43 3.70 4.54 -0.06
C VAL A 43 4.19 5.85 0.55
N THR A 44 3.38 6.90 0.42
CA THR A 44 3.73 8.21 0.95
C THR A 44 3.91 8.15 2.47
N GLU A 45 3.04 7.40 3.14
CA GLU A 45 3.11 7.26 4.59
C GLU A 45 4.38 6.52 5.00
N LEU A 46 4.67 5.41 4.34
CA LEU A 46 5.85 4.62 4.64
C LEU A 46 7.11 5.44 4.47
N LEU A 47 7.19 6.20 3.38
CA LEU A 47 8.35 7.05 3.12
C LEU A 47 8.53 8.09 4.20
N GLN A 48 7.51 8.94 4.38
CA GLN A 48 7.56 9.99 5.38
C GLN A 48 7.87 9.41 6.76
N LEU A 49 7.16 8.35 7.12
CA LEU A 49 7.37 7.69 8.41
C LEU A 49 8.80 7.22 8.57
N ASN A 50 9.47 6.97 7.44
CA ASN A 50 10.85 6.52 7.45
C ASN A 50 11.81 7.68 7.20
N ASN A 51 11.38 8.88 7.59
CA ASN A 51 12.19 10.08 7.41
C ASN A 51 12.64 10.23 5.96
N ASN A 52 11.79 9.76 5.04
CA ASN A 52 12.10 9.85 3.62
C ASN A 52 11.19 10.86 2.93
N GLY A 1 -23.95 -3.33 2.85
CA GLY A 1 -23.18 -2.58 1.88
C GLY A 1 -22.30 -3.47 1.02
N PRO A 2 -21.73 -2.89 -0.04
CA PRO A 2 -20.86 -3.62 -0.97
C PRO A 2 -19.53 -4.00 -0.34
N LEU A 3 -19.00 -5.16 -0.72
CA LEU A 3 -17.73 -5.63 -0.18
C LEU A 3 -16.55 -5.07 -0.99
N GLY A 4 -16.49 -5.44 -2.26
CA GLY A 4 -15.42 -4.98 -3.12
C GLY A 4 -15.29 -5.80 -4.39
N SER A 5 -14.42 -5.36 -5.29
CA SER A 5 -14.21 -6.05 -6.56
C SER A 5 -12.83 -5.75 -7.11
N SER A 6 -12.32 -6.65 -7.95
CA SER A 6 -11.01 -6.49 -8.55
C SER A 6 -9.95 -6.20 -7.50
N GLU A 7 -9.75 -7.17 -6.60
CA GLU A 7 -8.77 -7.02 -5.53
C GLU A 7 -7.36 -7.27 -6.05
N ASP A 8 -7.26 -8.01 -7.15
CA ASP A 8 -5.96 -8.32 -7.75
C ASP A 8 -5.14 -7.06 -7.95
N GLN A 9 -5.83 -5.94 -8.18
CA GLN A 9 -5.15 -4.66 -8.40
C GLN A 9 -4.19 -4.35 -7.25
N THR A 10 -4.59 -4.72 -6.03
CA THR A 10 -3.78 -4.48 -4.85
C THR A 10 -2.41 -5.14 -4.99
N ALA A 11 -2.38 -6.30 -5.62
CA ALA A 11 -1.13 -7.03 -5.82
C ALA A 11 -0.12 -6.21 -6.59
N ALA A 12 -0.63 -5.37 -7.51
CA ALA A 12 0.24 -4.51 -8.32
C ALA A 12 0.76 -3.34 -7.50
N LEU A 13 -0.08 -2.81 -6.63
CA LEU A 13 0.30 -1.67 -5.78
C LEU A 13 1.31 -2.10 -4.72
N MET A 14 1.18 -3.34 -4.25
CA MET A 14 2.08 -3.87 -3.23
C MET A 14 3.50 -4.00 -3.79
N ALA A 15 3.60 -4.30 -5.08
CA ALA A 15 4.91 -4.45 -5.72
C ALA A 15 5.61 -3.10 -5.85
N HIS A 16 4.83 -2.03 -5.91
CA HIS A 16 5.38 -0.69 -6.04
C HIS A 16 6.23 -0.34 -4.82
N LEU A 17 5.81 -0.80 -3.65
CA LEU A 17 6.52 -0.54 -2.41
C LEU A 17 7.75 -1.44 -2.29
N PHE A 18 7.56 -2.72 -2.59
CA PHE A 18 8.64 -3.69 -2.52
C PHE A 18 9.81 -3.27 -3.39
N GLU A 19 9.52 -2.52 -4.45
CA GLU A 19 10.55 -2.05 -5.37
C GLU A 19 11.48 -1.06 -4.67
N MET A 20 10.99 -0.43 -3.61
CA MET A 20 11.77 0.54 -2.86
C MET A 20 12.67 -0.17 -1.85
N GLY A 21 12.14 -1.20 -1.20
CA GLY A 21 12.91 -1.93 -0.21
C GLY A 21 12.23 -1.96 1.15
N PHE A 22 10.91 -1.89 1.15
CA PHE A 22 10.14 -1.90 2.39
C PHE A 22 9.97 -3.33 2.91
N CYS A 23 9.38 -4.19 2.08
CA CYS A 23 9.16 -5.58 2.45
C CYS A 23 8.21 -5.67 3.65
N ASP A 24 7.05 -5.04 3.53
CA ASP A 24 6.05 -5.06 4.60
C ASP A 24 4.65 -5.22 4.03
N ARG A 25 4.29 -6.46 3.69
CA ARG A 25 2.97 -6.75 3.15
C ARG A 25 1.87 -6.40 4.14
N GLN A 26 2.20 -6.49 5.42
CA GLN A 26 1.24 -6.18 6.48
C GLN A 26 0.96 -4.67 6.54
N LEU A 27 1.98 -3.89 6.22
CA LEU A 27 1.84 -2.43 6.25
C LEU A 27 1.08 -1.94 5.03
N ASN A 28 1.51 -2.36 3.85
CA ASN A 28 0.86 -1.95 2.61
C ASN A 28 -0.63 -2.25 2.65
N LEU A 29 -1.00 -3.28 3.41
CA LEU A 29 -2.39 -3.68 3.54
C LEU A 29 -3.16 -2.71 4.45
N ARG A 30 -2.60 -2.46 5.63
CA ARG A 30 -3.22 -1.54 6.59
C ARG A 30 -3.19 -0.11 6.07
N LEU A 31 -2.18 0.20 5.25
CA LEU A 31 -2.04 1.53 4.70
C LEU A 31 -3.07 1.79 3.59
N LEU A 32 -3.20 0.84 2.68
CA LEU A 32 -4.15 0.94 1.59
C LEU A 32 -5.54 1.30 2.10
N LYS A 33 -6.02 0.52 3.06
CA LYS A 33 -7.33 0.74 3.65
C LYS A 33 -7.38 2.08 4.37
N LYS A 34 -6.21 2.58 4.78
CA LYS A 34 -6.13 3.86 5.48
C LYS A 34 -6.31 5.02 4.50
N HIS A 35 -5.67 4.91 3.34
CA HIS A 35 -5.76 5.95 2.32
C HIS A 35 -6.85 5.63 1.30
N ASN A 36 -7.55 4.52 1.53
CA ASN A 36 -8.62 4.10 0.63
C ASN A 36 -8.07 3.72 -0.74
N TYR A 37 -7.24 2.69 -0.78
CA TYR A 37 -6.63 2.24 -2.03
C TYR A 37 -5.83 3.35 -2.68
N ASN A 38 -4.94 3.97 -1.90
CA ASN A 38 -4.10 5.05 -2.40
C ASN A 38 -2.62 4.70 -2.26
N ILE A 39 -2.11 3.93 -3.22
CA ILE A 39 -0.72 3.52 -3.21
C ILE A 39 0.21 4.73 -3.06
N LEU A 40 -0.16 5.83 -3.70
CA LEU A 40 0.64 7.06 -3.64
C LEU A 40 0.88 7.47 -2.18
N GLN A 41 -0.19 7.54 -1.41
CA GLN A 41 -0.09 7.93 0.00
C GLN A 41 0.52 6.81 0.82
N VAL A 42 0.26 5.57 0.42
CA VAL A 42 0.78 4.40 1.13
C VAL A 42 2.31 4.40 1.12
N VAL A 43 2.89 4.40 -0.08
CA VAL A 43 4.34 4.39 -0.22
C VAL A 43 4.97 5.58 0.51
N THR A 44 4.40 6.76 0.31
CA THR A 44 4.89 7.97 0.94
C THR A 44 4.87 7.85 2.46
N GLU A 45 3.90 7.09 2.98
CA GLU A 45 3.77 6.89 4.41
C GLU A 45 4.90 6.01 4.95
N LEU A 46 5.02 4.81 4.38
CA LEU A 46 6.06 3.87 4.79
C LEU A 46 7.44 4.53 4.75
N LEU A 47 7.60 5.48 3.86
CA LEU A 47 8.87 6.20 3.72
C LEU A 47 9.01 7.27 4.79
N GLN A 48 8.04 8.18 4.83
CA GLN A 48 8.06 9.26 5.81
C GLN A 48 8.20 8.72 7.23
N LEU A 49 7.44 7.66 7.53
CA LEU A 49 7.48 7.05 8.84
C LEU A 49 8.89 6.56 9.18
N ASN A 50 9.60 6.08 8.17
CA ASN A 50 10.96 5.59 8.35
C ASN A 50 11.98 6.63 7.90
N ASN A 51 11.59 7.90 7.96
CA ASN A 51 12.47 8.99 7.55
C ASN A 51 13.75 8.99 8.38
N ASN A 52 13.62 8.69 9.66
CA ASN A 52 14.77 8.65 10.57
C ASN A 52 15.30 7.24 10.71
N GLY A 1 -13.65 5.46 -7.96
CA GLY A 1 -13.80 4.04 -8.29
C GLY A 1 -15.02 3.42 -7.64
N PRO A 2 -15.17 2.10 -7.80
CA PRO A 2 -16.30 1.36 -7.23
C PRO A 2 -16.22 1.26 -5.71
N LEU A 3 -17.26 0.71 -5.11
CA LEU A 3 -17.31 0.54 -3.65
C LEU A 3 -16.34 -0.54 -3.19
N GLY A 4 -16.08 -1.51 -4.06
CA GLY A 4 -15.17 -2.58 -3.71
C GLY A 4 -14.64 -3.30 -4.94
N SER A 5 -13.48 -3.94 -4.79
CA SER A 5 -12.86 -4.66 -5.89
C SER A 5 -12.38 -6.03 -5.45
N SER A 6 -11.71 -6.75 -6.35
CA SER A 6 -11.20 -8.08 -6.05
C SER A 6 -9.91 -8.00 -5.24
N GLU A 7 -9.66 -9.03 -4.44
CA GLU A 7 -8.45 -9.08 -3.61
C GLU A 7 -7.20 -9.03 -4.47
N ASP A 8 -7.31 -9.55 -5.69
CA ASP A 8 -6.17 -9.56 -6.62
C ASP A 8 -5.61 -8.16 -6.80
N GLN A 9 -6.48 -7.15 -6.69
CA GLN A 9 -6.07 -5.77 -6.85
C GLN A 9 -4.90 -5.44 -5.94
N THR A 10 -5.07 -5.72 -4.64
CA THR A 10 -4.02 -5.44 -3.66
C THR A 10 -2.71 -6.08 -4.07
N ALA A 11 -2.78 -7.27 -4.66
CA ALA A 11 -1.59 -7.99 -5.10
C ALA A 11 -0.76 -7.14 -6.06
N ALA A 12 -1.44 -6.35 -6.88
CA ALA A 12 -0.77 -5.49 -7.84
C ALA A 12 -0.14 -4.29 -7.15
N LEU A 13 -0.79 -3.80 -6.10
CA LEU A 13 -0.29 -2.65 -5.35
C LEU A 13 0.93 -3.04 -4.52
N MET A 14 0.95 -4.28 -4.04
CA MET A 14 2.07 -4.76 -3.24
C MET A 14 3.39 -4.58 -3.98
N ALA A 15 3.37 -4.79 -5.29
CA ALA A 15 4.57 -4.63 -6.11
C ALA A 15 4.98 -3.17 -6.21
N HIS A 16 3.99 -2.28 -6.25
CA HIS A 16 4.25 -0.85 -6.35
C HIS A 16 5.15 -0.39 -5.21
N LEU A 17 4.97 -0.97 -4.03
CA LEU A 17 5.76 -0.62 -2.86
C LEU A 17 7.15 -1.25 -2.94
N PHE A 18 7.20 -2.52 -3.29
CA PHE A 18 8.46 -3.24 -3.41
C PHE A 18 9.40 -2.54 -4.39
N GLU A 19 8.82 -1.84 -5.36
CA GLU A 19 9.60 -1.14 -6.37
C GLU A 19 10.47 -0.07 -5.72
N MET A 20 10.06 0.39 -4.55
CA MET A 20 10.80 1.42 -3.82
C MET A 20 11.87 0.79 -2.93
N GLY A 21 11.52 -0.32 -2.28
CA GLY A 21 12.47 -1.00 -1.41
C GLY A 21 11.94 -1.16 0.00
N PHE A 22 10.61 -1.22 0.13
CA PHE A 22 9.98 -1.37 1.44
C PHE A 22 9.95 -2.84 1.86
N CYS A 23 9.38 -3.69 1.01
CA CYS A 23 9.28 -5.11 1.30
C CYS A 23 8.54 -5.35 2.61
N ASP A 24 7.72 -4.39 3.01
CA ASP A 24 6.95 -4.49 4.25
C ASP A 24 5.51 -4.86 3.96
N ARG A 25 5.26 -6.15 3.68
CA ARG A 25 3.92 -6.62 3.39
C ARG A 25 2.97 -6.34 4.55
N GLN A 26 3.52 -6.25 5.75
CA GLN A 26 2.73 -5.98 6.95
C GLN A 26 2.25 -4.53 6.97
N LEU A 27 3.17 -3.61 6.67
CA LEU A 27 2.85 -2.20 6.64
C LEU A 27 1.85 -1.87 5.53
N ASN A 28 2.17 -2.29 4.32
CA ASN A 28 1.31 -2.05 3.17
C ASN A 28 -0.10 -2.55 3.43
N LEU A 29 -0.21 -3.58 4.27
CA LEU A 29 -1.51 -4.15 4.60
C LEU A 29 -2.27 -3.24 5.56
N ARG A 30 -1.62 -2.84 6.65
CA ARG A 30 -2.24 -1.96 7.64
C ARG A 30 -2.47 -0.57 7.06
N LEU A 31 -1.62 -0.18 6.11
CA LEU A 31 -1.75 1.13 5.48
C LEU A 31 -2.93 1.16 4.51
N LEU A 32 -3.03 0.14 3.68
CA LEU A 32 -4.12 0.04 2.71
C LEU A 32 -5.47 0.23 3.39
N LYS A 33 -5.70 -0.52 4.46
CA LYS A 33 -6.96 -0.43 5.20
C LYS A 33 -7.14 0.96 5.81
N LYS A 34 -6.02 1.65 6.02
CA LYS A 34 -6.05 2.99 6.59
C LYS A 34 -6.51 4.02 5.55
N HIS A 35 -5.98 3.90 4.34
CA HIS A 35 -6.33 4.81 3.25
C HIS A 35 -7.48 4.24 2.42
N ASN A 36 -7.99 3.08 2.83
CA ASN A 36 -9.08 2.44 2.12
C ASN A 36 -8.65 2.00 0.73
N TYR A 37 -7.68 1.08 0.67
CA TYR A 37 -7.18 0.59 -0.61
C TYR A 37 -6.62 1.73 -1.45
N ASN A 38 -5.76 2.54 -0.85
CA ASN A 38 -5.16 3.67 -1.56
C ASN A 38 -3.64 3.55 -1.57
N ILE A 39 -3.11 2.76 -2.51
CA ILE A 39 -1.68 2.57 -2.63
C ILE A 39 -0.94 3.90 -2.69
N LEU A 40 -1.53 4.86 -3.39
CA LEU A 40 -0.94 6.19 -3.54
C LEU A 40 -0.60 6.78 -2.16
N GLN A 41 -1.59 6.79 -1.27
CA GLN A 41 -1.39 7.33 0.06
C GLN A 41 -0.56 6.38 0.91
N VAL A 42 -0.68 5.08 0.65
CA VAL A 42 0.07 4.07 1.39
C VAL A 42 1.57 4.29 1.25
N VAL A 43 2.06 4.25 0.01
CA VAL A 43 3.48 4.45 -0.25
C VAL A 43 3.98 5.75 0.35
N THR A 44 3.22 6.83 0.14
CA THR A 44 3.59 8.14 0.67
C THR A 44 3.86 8.07 2.17
N GLU A 45 3.03 7.31 2.89
CA GLU A 45 3.18 7.16 4.32
C GLU A 45 4.48 6.44 4.66
N LEU A 46 4.70 5.29 4.04
CA LEU A 46 5.90 4.50 4.28
C LEU A 46 7.15 5.32 4.00
N LEU A 47 7.11 6.13 2.95
CA LEU A 47 8.24 6.98 2.58
C LEU A 47 8.59 7.94 3.71
N GLN A 48 7.65 8.83 4.02
CA GLN A 48 7.86 9.81 5.10
C GLN A 48 8.17 9.12 6.42
N LEU A 49 7.34 8.14 6.78
CA LEU A 49 7.53 7.40 8.02
C LEU A 49 8.93 6.79 8.08
N ASN A 50 9.40 6.28 6.95
CA ASN A 50 10.72 5.68 6.88
C ASN A 50 11.81 6.72 7.08
N ASN A 51 11.53 7.95 6.68
CA ASN A 51 12.49 9.05 6.82
C ASN A 51 12.78 9.33 8.29
N ASN A 52 11.74 9.25 9.12
CA ASN A 52 11.89 9.50 10.55
C ASN A 52 11.33 8.33 11.36
N GLY A 1 -13.20 -1.44 -13.81
CA GLY A 1 -14.48 -0.80 -13.60
C GLY A 1 -14.58 -0.11 -12.25
N PRO A 2 -15.74 0.51 -11.99
CA PRO A 2 -15.97 1.22 -10.73
C PRO A 2 -16.10 0.27 -9.54
N LEU A 3 -16.79 -0.85 -9.76
CA LEU A 3 -16.98 -1.84 -8.71
C LEU A 3 -15.79 -2.78 -8.62
N GLY A 4 -15.48 -3.23 -7.41
CA GLY A 4 -14.36 -4.13 -7.20
C GLY A 4 -14.67 -5.22 -6.20
N SER A 5 -14.41 -4.95 -4.93
CA SER A 5 -14.66 -5.92 -3.87
C SER A 5 -13.80 -7.16 -4.06
N SER A 6 -12.65 -6.98 -4.70
CA SER A 6 -11.74 -8.10 -4.96
C SER A 6 -10.46 -7.95 -4.13
N GLU A 7 -10.14 -8.98 -3.37
CA GLU A 7 -8.95 -8.97 -2.53
C GLU A 7 -7.69 -8.87 -3.38
N ASP A 8 -7.75 -9.42 -4.58
CA ASP A 8 -6.61 -9.40 -5.50
C ASP A 8 -6.11 -7.96 -5.69
N GLN A 9 -7.02 -7.01 -5.58
CA GLN A 9 -6.67 -5.59 -5.74
C GLN A 9 -5.48 -5.22 -4.86
N THR A 10 -5.61 -5.51 -3.56
CA THR A 10 -4.55 -5.19 -2.61
C THR A 10 -3.22 -5.77 -3.07
N ALA A 11 -3.27 -6.96 -3.67
CA ALA A 11 -2.06 -7.62 -4.15
C ALA A 11 -1.38 -6.80 -5.24
N ALA A 12 -2.18 -6.04 -6.00
CA ALA A 12 -1.66 -5.21 -7.08
C ALA A 12 -0.99 -3.96 -6.52
N LEU A 13 -1.57 -3.41 -5.46
CA LEU A 13 -1.03 -2.21 -4.83
C LEU A 13 0.28 -2.51 -4.09
N MET A 14 0.29 -3.64 -3.39
CA MET A 14 1.47 -4.05 -2.63
C MET A 14 2.71 -4.10 -3.54
N ALA A 15 2.50 -4.47 -4.79
CA ALA A 15 3.58 -4.56 -5.76
C ALA A 15 4.15 -3.17 -6.07
N HIS A 16 3.31 -2.15 -5.94
CA HIS A 16 3.72 -0.79 -6.21
C HIS A 16 4.76 -0.31 -5.19
N LEU A 17 4.61 -0.78 -3.95
CA LEU A 17 5.52 -0.41 -2.88
C LEU A 17 6.83 -1.19 -2.99
N PHE A 18 6.72 -2.49 -3.23
CA PHE A 18 7.88 -3.35 -3.36
C PHE A 18 8.83 -2.84 -4.45
N GLU A 19 8.25 -2.15 -5.43
CA GLU A 19 9.04 -1.62 -6.54
C GLU A 19 10.02 -0.56 -6.05
N MET A 20 9.70 0.05 -4.90
CA MET A 20 10.56 1.07 -4.32
C MET A 20 11.71 0.44 -3.54
N GLY A 21 11.41 -0.63 -2.81
CA GLY A 21 12.43 -1.30 -2.03
C GLY A 21 12.07 -1.39 -0.56
N PHE A 22 10.77 -1.41 -0.27
CA PHE A 22 10.30 -1.48 1.12
C PHE A 22 10.34 -2.92 1.63
N CYS A 23 9.63 -3.81 0.94
CA CYS A 23 9.57 -5.21 1.32
C CYS A 23 8.91 -5.37 2.69
N ASP A 24 7.72 -4.80 2.85
CA ASP A 24 7.00 -4.89 4.11
C ASP A 24 5.51 -5.14 3.86
N ARG A 25 5.17 -6.39 3.57
CA ARG A 25 3.78 -6.77 3.31
C ARG A 25 2.89 -6.38 4.48
N GLN A 26 3.48 -6.33 5.68
CA GLN A 26 2.73 -5.98 6.88
C GLN A 26 2.38 -4.50 6.88
N LEU A 27 3.36 -3.65 6.62
CA LEU A 27 3.16 -2.21 6.59
C LEU A 27 2.11 -1.83 5.54
N ASN A 28 2.33 -2.29 4.32
CA ASN A 28 1.41 -2.01 3.22
C ASN A 28 -0.01 -2.42 3.57
N LEU A 29 -0.13 -3.43 4.43
CA LEU A 29 -1.43 -3.92 4.85
C LEU A 29 -2.07 -2.99 5.88
N ARG A 30 -1.31 -2.67 6.92
CA ARG A 30 -1.79 -1.78 7.98
C ARG A 30 -1.99 -0.36 7.44
N LEU A 31 -1.22 -0.01 6.42
CA LEU A 31 -1.30 1.32 5.82
C LEU A 31 -2.58 1.46 4.99
N LEU A 32 -2.83 0.46 4.15
CA LEU A 32 -4.03 0.47 3.29
C LEU A 32 -5.28 0.77 4.11
N LYS A 33 -5.51 -0.05 5.14
CA LYS A 33 -6.67 0.12 6.00
C LYS A 33 -6.64 1.48 6.69
N LYS A 34 -5.45 2.05 6.82
CA LYS A 34 -5.29 3.35 7.46
C LYS A 34 -5.75 4.47 6.54
N HIS A 35 -5.42 4.34 5.25
CA HIS A 35 -5.82 5.35 4.26
C HIS A 35 -7.07 4.92 3.51
N ASN A 36 -7.65 3.79 3.94
CA ASN A 36 -8.86 3.27 3.31
C ASN A 36 -8.58 2.84 1.87
N TYR A 37 -7.67 1.88 1.72
CA TYR A 37 -7.31 1.37 0.40
C TYR A 37 -6.77 2.49 -0.49
N ASN A 38 -5.80 3.24 0.05
CA ASN A 38 -5.19 4.34 -0.69
C ASN A 38 -3.69 4.12 -0.86
N ILE A 39 -3.32 3.36 -1.89
CA ILE A 39 -1.92 3.07 -2.16
C ILE A 39 -1.10 4.36 -2.26
N LEU A 40 -1.70 5.39 -2.85
CA LEU A 40 -1.03 6.67 -3.00
C LEU A 40 -0.49 7.18 -1.66
N GLN A 41 -1.36 7.21 -0.65
CA GLN A 41 -0.97 7.66 0.68
C GLN A 41 -0.10 6.61 1.37
N VAL A 42 -0.37 5.34 1.07
CA VAL A 42 0.40 4.24 1.67
C VAL A 42 1.88 4.34 1.32
N VAL A 43 2.17 4.42 0.02
CA VAL A 43 3.54 4.52 -0.44
C VAL A 43 4.21 5.80 0.06
N THR A 44 3.44 6.87 0.12
CA THR A 44 3.95 8.16 0.60
C THR A 44 4.30 8.10 2.07
N GLU A 45 3.56 7.28 2.82
CA GLU A 45 3.80 7.13 4.25
C GLU A 45 5.08 6.35 4.51
N LEU A 46 5.18 5.17 3.91
CA LEU A 46 6.35 4.32 4.07
C LEU A 46 7.63 5.08 3.73
N LEU A 47 7.55 5.91 2.70
CA LEU A 47 8.71 6.70 2.26
C LEU A 47 9.02 7.79 3.28
N GLN A 48 8.05 8.66 3.53
CA GLN A 48 8.24 9.75 4.48
C GLN A 48 8.72 9.23 5.83
N LEU A 49 8.03 8.23 6.36
CA LEU A 49 8.39 7.63 7.64
C LEU A 49 9.83 7.12 7.62
N ASN A 50 10.27 6.67 6.44
CA ASN A 50 11.62 6.15 6.29
C ASN A 50 12.65 7.27 6.40
N ASN A 51 12.29 8.45 5.91
CA ASN A 51 13.18 9.61 5.96
C ASN A 51 13.20 10.22 7.36
N ASN A 52 12.06 10.15 8.03
CA ASN A 52 11.94 10.71 9.38
C ASN A 52 13.05 10.18 10.28
N GLY A 1 -25.37 -3.01 -7.16
CA GLY A 1 -24.20 -3.84 -6.99
C GLY A 1 -22.92 -3.05 -6.97
N PRO A 2 -21.80 -3.71 -6.63
CA PRO A 2 -20.49 -3.07 -6.58
C PRO A 2 -19.95 -2.71 -7.97
N LEU A 3 -18.75 -2.14 -8.01
CA LEU A 3 -18.14 -1.76 -9.28
C LEU A 3 -16.73 -2.33 -9.39
N GLY A 4 -16.48 -3.43 -8.69
CA GLY A 4 -15.17 -4.05 -8.72
C GLY A 4 -14.60 -4.29 -7.34
N SER A 5 -14.85 -5.47 -6.80
CA SER A 5 -14.36 -5.81 -5.46
C SER A 5 -13.54 -7.10 -5.50
N SER A 6 -12.22 -6.95 -5.44
CA SER A 6 -11.32 -8.11 -5.47
C SER A 6 -10.09 -7.86 -4.61
N GLU A 7 -9.64 -8.91 -3.91
CA GLU A 7 -8.48 -8.80 -3.04
C GLU A 7 -7.19 -8.79 -3.86
N ASP A 8 -7.24 -9.40 -5.04
CA ASP A 8 -6.09 -9.46 -5.93
C ASP A 8 -5.50 -8.07 -6.16
N GLN A 9 -6.38 -7.09 -6.33
CA GLN A 9 -5.96 -5.71 -6.57
C GLN A 9 -4.96 -5.26 -5.50
N THR A 10 -5.33 -5.45 -4.24
CA THR A 10 -4.47 -5.06 -3.13
C THR A 10 -3.07 -5.66 -3.28
N ALA A 11 -3.02 -6.93 -3.66
CA ALA A 11 -1.75 -7.61 -3.84
C ALA A 11 -0.86 -6.86 -4.84
N ALA A 12 -1.48 -6.23 -5.82
CA ALA A 12 -0.75 -5.48 -6.83
C ALA A 12 -0.22 -4.17 -6.26
N LEU A 13 -1.07 -3.47 -5.52
CA LEU A 13 -0.70 -2.19 -4.92
C LEU A 13 0.56 -2.33 -4.08
N MET A 14 0.72 -3.49 -3.44
CA MET A 14 1.88 -3.76 -2.61
C MET A 14 3.15 -3.80 -3.45
N ALA A 15 3.03 -4.27 -4.69
CA ALA A 15 4.17 -4.36 -5.59
C ALA A 15 4.78 -2.98 -5.84
N HIS A 16 3.96 -1.95 -5.73
CA HIS A 16 4.41 -0.58 -5.95
C HIS A 16 5.40 -0.15 -4.86
N LEU A 17 5.15 -0.59 -3.63
CA LEU A 17 6.01 -0.26 -2.51
C LEU A 17 7.26 -1.13 -2.52
N PHE A 18 7.09 -2.43 -2.73
CA PHE A 18 8.20 -3.36 -2.77
C PHE A 18 9.23 -2.94 -3.81
N GLU A 19 8.77 -2.25 -4.85
CA GLU A 19 9.63 -1.79 -5.92
C GLU A 19 10.56 -0.67 -5.42
N MET A 20 10.15 0.00 -4.35
CA MET A 20 10.93 1.09 -3.79
C MET A 20 12.08 0.54 -2.94
N GLY A 21 11.83 -0.55 -2.23
CA GLY A 21 12.86 -1.15 -1.40
C GLY A 21 12.42 -1.28 0.05
N PHE A 22 11.11 -1.44 0.26
CA PHE A 22 10.57 -1.58 1.60
C PHE A 22 10.52 -3.05 2.01
N CYS A 23 9.80 -3.86 1.24
CA CYS A 23 9.67 -5.28 1.53
C CYS A 23 8.94 -5.50 2.86
N ASP A 24 7.83 -4.81 3.03
CA ASP A 24 7.04 -4.94 4.26
C ASP A 24 5.57 -5.17 3.95
N ARG A 25 5.23 -6.40 3.61
CA ARG A 25 3.85 -6.75 3.28
C ARG A 25 2.90 -6.35 4.41
N GLN A 26 3.43 -6.33 5.64
CA GLN A 26 2.63 -5.97 6.80
C GLN A 26 2.31 -4.48 6.80
N LEU A 27 3.31 -3.67 6.43
CA LEU A 27 3.12 -2.22 6.40
C LEU A 27 2.13 -1.82 5.31
N ASN A 28 2.37 -2.31 4.10
CA ASN A 28 1.48 -2.00 2.96
C ASN A 28 0.04 -2.34 3.31
N LEU A 29 -0.15 -3.33 4.17
CA LEU A 29 -1.48 -3.75 4.57
C LEU A 29 -2.08 -2.79 5.59
N ARG A 30 -1.32 -2.51 6.65
CA ARG A 30 -1.77 -1.59 7.69
C ARG A 30 -1.94 -0.18 7.13
N LEU A 31 -1.15 0.15 6.13
CA LEU A 31 -1.21 1.48 5.51
C LEU A 31 -2.46 1.61 4.64
N LEU A 32 -2.68 0.62 3.78
CA LEU A 32 -3.84 0.63 2.89
C LEU A 32 -5.11 0.91 3.67
N LYS A 33 -5.37 0.10 4.69
CA LYS A 33 -6.56 0.27 5.51
C LYS A 33 -6.56 1.63 6.20
N LYS A 34 -5.38 2.20 6.38
CA LYS A 34 -5.24 3.49 7.02
C LYS A 34 -5.68 4.62 6.09
N HIS A 35 -5.31 4.51 4.82
CA HIS A 35 -5.68 5.51 3.83
C HIS A 35 -6.92 5.08 3.05
N ASN A 36 -7.48 3.94 3.43
CA ASN A 36 -8.66 3.42 2.75
C ASN A 36 -8.34 3.01 1.31
N TYR A 37 -7.43 2.05 1.17
CA TYR A 37 -7.04 1.58 -0.15
C TYR A 37 -6.46 2.72 -0.99
N ASN A 38 -5.51 3.44 -0.41
CA ASN A 38 -4.88 4.56 -1.10
C ASN A 38 -3.38 4.34 -1.23
N ILE A 39 -2.98 3.57 -2.24
CA ILE A 39 -1.58 3.28 -2.47
C ILE A 39 -0.75 4.56 -2.55
N LEU A 40 -1.34 5.60 -3.14
CA LEU A 40 -0.67 6.89 -3.28
C LEU A 40 -0.16 7.38 -1.92
N GLN A 41 -1.04 7.41 -0.94
CA GLN A 41 -0.67 7.86 0.41
C GLN A 41 0.17 6.81 1.12
N VAL A 42 -0.10 5.54 0.82
CA VAL A 42 0.63 4.44 1.42
C VAL A 42 2.13 4.54 1.14
N VAL A 43 2.48 4.56 -0.14
CA VAL A 43 3.87 4.65 -0.55
C VAL A 43 4.52 5.90 0.01
N THR A 44 3.77 7.00 0.07
CA THR A 44 4.27 8.26 0.60
C THR A 44 4.61 8.15 2.08
N GLU A 45 3.87 7.30 2.78
CA GLU A 45 4.09 7.09 4.21
C GLU A 45 5.37 6.31 4.46
N LEU A 46 5.44 5.10 3.91
CA LEU A 46 6.61 4.25 4.06
C LEU A 46 7.88 4.99 3.67
N LEU A 47 7.77 5.86 2.67
CA LEU A 47 8.91 6.63 2.19
C LEU A 47 9.36 7.64 3.24
N GLN A 48 8.46 8.56 3.59
CA GLN A 48 8.77 9.59 4.58
C GLN A 48 9.20 8.94 5.90
N LEU A 49 8.38 8.03 6.40
CA LEU A 49 8.67 7.35 7.66
C LEU A 49 10.07 6.75 7.64
N ASN A 50 10.53 6.36 6.46
CA ASN A 50 11.86 5.78 6.30
C ASN A 50 12.93 6.73 6.83
N ASN A 51 12.70 8.03 6.67
CA ASN A 51 13.66 9.03 7.12
C ASN A 51 13.42 9.37 8.59
N ASN A 52 12.17 9.67 8.94
CA ASN A 52 11.81 10.01 10.30
C ASN A 52 12.32 8.95 11.27
N GLY A 1 -19.88 -4.07 -11.76
CA GLY A 1 -19.41 -2.72 -11.94
C GLY A 1 -18.01 -2.66 -12.53
N PRO A 2 -17.60 -1.46 -12.98
CA PRO A 2 -16.28 -1.25 -13.57
C PRO A 2 -15.16 -1.36 -12.54
N LEU A 3 -15.50 -1.14 -11.28
CA LEU A 3 -14.51 -1.22 -10.21
C LEU A 3 -14.39 -2.65 -9.68
N GLY A 4 -13.17 -3.16 -9.65
CA GLY A 4 -12.94 -4.51 -9.16
C GLY A 4 -13.07 -4.62 -7.65
N SER A 5 -14.12 -5.29 -7.20
CA SER A 5 -14.37 -5.46 -5.77
C SER A 5 -13.88 -6.82 -5.30
N SER A 6 -12.63 -6.88 -4.88
CA SER A 6 -12.05 -8.14 -4.40
C SER A 6 -10.73 -7.88 -3.67
N GLU A 7 -10.55 -8.56 -2.54
CA GLU A 7 -9.35 -8.41 -1.74
C GLU A 7 -8.09 -8.58 -2.60
N ASP A 8 -8.20 -9.39 -3.65
CA ASP A 8 -7.09 -9.64 -4.55
C ASP A 8 -6.48 -8.33 -5.04
N GLN A 9 -7.33 -7.30 -5.15
CA GLN A 9 -6.88 -5.99 -5.61
C GLN A 9 -5.67 -5.52 -4.80
N THR A 10 -5.66 -5.83 -3.51
CA THR A 10 -4.56 -5.44 -2.63
C THR A 10 -3.24 -5.99 -3.13
N ALA A 11 -3.27 -7.21 -3.67
CA ALA A 11 -2.07 -7.86 -4.19
C ALA A 11 -1.40 -6.99 -5.24
N ALA A 12 -2.20 -6.28 -6.02
CA ALA A 12 -1.68 -5.41 -7.07
C ALA A 12 -1.06 -4.15 -6.48
N LEU A 13 -1.68 -3.64 -5.44
CA LEU A 13 -1.18 -2.42 -4.78
C LEU A 13 0.10 -2.71 -4.01
N MET A 14 0.21 -3.92 -3.47
CA MET A 14 1.39 -4.31 -2.72
C MET A 14 2.64 -4.30 -3.61
N ALA A 15 2.45 -4.63 -4.89
CA ALA A 15 3.56 -4.66 -5.84
C ALA A 15 4.01 -3.25 -6.17
N HIS A 16 3.10 -2.29 -6.09
CA HIS A 16 3.41 -0.89 -6.38
C HIS A 16 4.49 -0.37 -5.45
N LEU A 17 4.45 -0.81 -4.19
CA LEU A 17 5.43 -0.39 -3.20
C LEU A 17 6.74 -1.13 -3.38
N PHE A 18 6.66 -2.44 -3.59
CA PHE A 18 7.85 -3.26 -3.78
C PHE A 18 8.70 -2.73 -4.94
N GLU A 19 8.04 -2.08 -5.89
CA GLU A 19 8.73 -1.53 -7.05
C GLU A 19 9.67 -0.40 -6.63
N MET A 20 9.42 0.18 -5.47
CA MET A 20 10.24 1.27 -4.95
C MET A 20 11.43 0.73 -4.17
N GLY A 21 11.19 -0.33 -3.40
CA GLY A 21 12.25 -0.93 -2.61
C GLY A 21 11.88 -1.05 -1.15
N PHE A 22 10.63 -0.73 -0.82
CA PHE A 22 10.16 -0.80 0.56
C PHE A 22 10.35 -2.20 1.13
N CYS A 23 9.71 -3.18 0.51
CA CYS A 23 9.83 -4.57 0.96
C CYS A 23 9.27 -4.73 2.37
N ASP A 24 8.01 -4.32 2.55
CA ASP A 24 7.36 -4.42 3.85
C ASP A 24 5.89 -4.76 3.70
N ARG A 25 5.61 -6.05 3.46
CA ARG A 25 4.24 -6.51 3.29
C ARG A 25 3.40 -6.20 4.52
N GLN A 26 4.05 -6.14 5.68
CA GLN A 26 3.36 -5.84 6.93
C GLN A 26 2.93 -4.37 6.98
N LEU A 27 3.83 -3.48 6.61
CA LEU A 27 3.55 -2.05 6.61
C LEU A 27 2.42 -1.72 5.64
N ASN A 28 2.57 -2.17 4.40
CA ASN A 28 1.55 -1.92 3.38
C ASN A 28 0.18 -2.39 3.84
N LEU A 29 0.16 -3.40 4.70
CA LEU A 29 -1.08 -3.95 5.23
C LEU A 29 -1.70 -3.00 6.25
N ARG A 30 -0.89 -2.59 7.23
CA ARG A 30 -1.36 -1.69 8.27
C ARG A 30 -1.64 -0.29 7.70
N LEU A 31 -0.92 0.06 6.64
CA LEU A 31 -1.08 1.35 6.00
C LEU A 31 -2.38 1.41 5.21
N LEU A 32 -2.61 0.39 4.40
CA LEU A 32 -3.82 0.30 3.59
C LEU A 32 -5.08 0.53 4.44
N LYS A 33 -5.12 -0.14 5.58
CA LYS A 33 -6.26 -0.02 6.50
C LYS A 33 -6.32 1.39 7.09
N LYS A 34 -5.18 2.06 7.14
CA LYS A 34 -5.11 3.41 7.68
C LYS A 34 -5.68 4.43 6.70
N HIS A 35 -5.28 4.31 5.44
CA HIS A 35 -5.76 5.22 4.40
C HIS A 35 -7.02 4.68 3.74
N ASN A 36 -7.46 3.49 4.18
CA ASN A 36 -8.66 2.87 3.64
C ASN A 36 -8.44 2.48 2.17
N TYR A 37 -7.57 1.50 1.95
CA TYR A 37 -7.27 1.04 0.60
C TYR A 37 -6.80 2.20 -0.29
N ASN A 38 -5.82 2.95 0.21
CA ASN A 38 -5.27 4.08 -0.53
C ASN A 38 -3.78 3.90 -0.78
N ILE A 39 -3.44 3.10 -1.78
CA ILE A 39 -2.05 2.84 -2.12
C ILE A 39 -1.27 4.15 -2.26
N LEU A 40 -1.91 5.15 -2.86
CA LEU A 40 -1.28 6.44 -3.07
C LEU A 40 -0.77 7.01 -1.74
N GLN A 41 -1.64 7.05 -0.74
CA GLN A 41 -1.28 7.57 0.57
C GLN A 41 -0.37 6.59 1.30
N VAL A 42 -0.57 5.30 1.06
CA VAL A 42 0.22 4.26 1.70
C VAL A 42 1.70 4.42 1.37
N VAL A 43 2.02 4.36 0.08
CA VAL A 43 3.41 4.50 -0.36
C VAL A 43 4.03 5.79 0.15
N THR A 44 3.21 6.85 0.18
CA THR A 44 3.68 8.15 0.64
C THR A 44 4.13 8.08 2.10
N GLU A 45 3.33 7.42 2.94
CA GLU A 45 3.64 7.29 4.35
C GLU A 45 4.96 6.54 4.55
N LEU A 46 5.10 5.42 3.84
CA LEU A 46 6.31 4.62 3.93
C LEU A 46 7.54 5.42 3.56
N LEU A 47 7.35 6.42 2.70
CA LEU A 47 8.44 7.28 2.27
C LEU A 47 8.92 8.18 3.41
N GLN A 48 8.03 9.05 3.87
CA GLN A 48 8.36 9.98 4.96
C GLN A 48 8.72 9.20 6.23
N LEU A 49 8.00 8.13 6.48
CA LEU A 49 8.24 7.30 7.66
C LEU A 49 9.67 6.77 7.67
N ASN A 50 10.15 6.37 6.49
CA ASN A 50 11.50 5.84 6.36
C ASN A 50 12.45 6.90 5.78
N ASN A 51 12.13 8.16 6.02
CA ASN A 51 12.95 9.26 5.52
C ASN A 51 14.37 9.18 6.08
N ASN A 52 14.48 8.70 7.31
CA ASN A 52 15.78 8.56 7.96
C ASN A 52 16.28 7.12 7.90
N GLY A 1 -16.49 -3.84 -11.04
CA GLY A 1 -16.37 -2.39 -10.95
C GLY A 1 -15.86 -1.95 -9.59
N PRO A 2 -15.74 -0.63 -9.40
CA PRO A 2 -15.26 -0.05 -8.14
C PRO A 2 -16.26 -0.21 -7.01
N LEU A 3 -17.54 -0.12 -7.34
CA LEU A 3 -18.60 -0.26 -6.34
C LEU A 3 -18.42 -1.55 -5.55
N GLY A 4 -17.86 -2.57 -6.18
CA GLY A 4 -17.65 -3.84 -5.52
C GLY A 4 -16.33 -3.90 -4.79
N SER A 5 -15.66 -5.04 -4.87
CA SER A 5 -14.37 -5.22 -4.21
C SER A 5 -13.64 -6.44 -4.77
N SER A 6 -12.31 -6.41 -4.70
CA SER A 6 -11.50 -7.50 -5.20
C SER A 6 -10.18 -7.60 -4.44
N GLU A 7 -9.77 -8.81 -4.11
CA GLU A 7 -8.53 -9.04 -3.37
C GLU A 7 -7.32 -8.91 -4.30
N ASP A 8 -7.46 -9.43 -5.52
CA ASP A 8 -6.38 -9.38 -6.50
C ASP A 8 -5.87 -7.95 -6.67
N GLN A 9 -6.75 -6.98 -6.45
CA GLN A 9 -6.39 -5.57 -6.58
C GLN A 9 -5.26 -5.21 -5.63
N THR A 10 -5.40 -5.64 -4.38
CA THR A 10 -4.39 -5.35 -3.36
C THR A 10 -3.02 -5.88 -3.79
N ALA A 11 -3.00 -7.10 -4.30
CA ALA A 11 -1.75 -7.72 -4.74
C ALA A 11 -0.99 -6.80 -5.70
N ALA A 12 -1.74 -5.98 -6.44
CA ALA A 12 -1.14 -5.05 -7.38
C ALA A 12 -0.56 -3.84 -6.67
N LEU A 13 -1.22 -3.41 -5.60
CA LEU A 13 -0.78 -2.26 -4.83
C LEU A 13 0.47 -2.59 -4.02
N MET A 14 0.40 -3.69 -3.26
CA MET A 14 1.52 -4.13 -2.44
C MET A 14 2.80 -4.25 -3.29
N ALA A 15 2.64 -4.66 -4.54
CA ALA A 15 3.77 -4.82 -5.44
C ALA A 15 4.37 -3.47 -5.81
N HIS A 16 3.53 -2.43 -5.80
CA HIS A 16 3.99 -1.08 -6.13
C HIS A 16 4.98 -0.57 -5.09
N LEU A 17 4.78 -0.99 -3.85
CA LEU A 17 5.67 -0.57 -2.76
C LEU A 17 6.97 -1.36 -2.78
N PHE A 18 6.87 -2.66 -2.98
CA PHE A 18 8.04 -3.53 -3.02
C PHE A 18 9.01 -3.07 -4.12
N GLU A 19 8.46 -2.44 -5.16
CA GLU A 19 9.27 -1.96 -6.27
C GLU A 19 10.23 -0.86 -5.80
N MET A 20 9.86 -0.18 -4.72
CA MET A 20 10.69 0.89 -4.18
C MET A 20 11.83 0.33 -3.34
N GLY A 21 11.54 -0.73 -2.58
CA GLY A 21 12.56 -1.34 -1.74
C GLY A 21 12.17 -1.36 -0.28
N PHE A 22 10.87 -1.38 -0.02
CA PHE A 22 10.36 -1.39 1.35
C PHE A 22 10.44 -2.80 1.94
N CYS A 23 9.79 -3.75 1.27
CA CYS A 23 9.79 -5.13 1.74
C CYS A 23 9.10 -5.26 3.09
N ASP A 24 7.87 -4.75 3.17
CA ASP A 24 7.09 -4.80 4.41
C ASP A 24 5.63 -5.06 4.11
N ARG A 25 5.29 -6.32 3.84
CA ARG A 25 3.92 -6.70 3.55
C ARG A 25 2.99 -6.34 4.71
N GLN A 26 3.56 -6.29 5.91
CA GLN A 26 2.78 -5.96 7.10
C GLN A 26 2.39 -4.49 7.11
N LEU A 27 3.34 -3.62 6.78
CA LEU A 27 3.09 -2.19 6.75
C LEU A 27 2.06 -1.83 5.68
N ASN A 28 2.31 -2.29 4.45
CA ASN A 28 1.40 -2.03 3.34
C ASN A 28 -0.01 -2.47 3.68
N LEU A 29 -0.12 -3.48 4.53
CA LEU A 29 -1.43 -4.00 4.94
C LEU A 29 -2.11 -3.05 5.92
N ARG A 30 -1.40 -2.67 6.97
CA ARG A 30 -1.93 -1.76 7.98
C ARG A 30 -2.14 -0.37 7.40
N LEU A 31 -1.33 -0.02 6.41
CA LEU A 31 -1.41 1.29 5.76
C LEU A 31 -2.65 1.37 4.86
N LEU A 32 -2.83 0.35 4.04
CA LEU A 32 -3.97 0.30 3.12
C LEU A 32 -5.27 0.54 3.86
N LYS A 33 -5.49 -0.22 4.93
CA LYS A 33 -6.70 -0.08 5.74
C LYS A 33 -6.77 1.29 6.40
N LYS A 34 -5.61 1.91 6.57
CA LYS A 34 -5.53 3.23 7.20
C LYS A 34 -5.98 4.31 6.23
N HIS A 35 -5.56 4.19 4.97
CA HIS A 35 -5.94 5.17 3.95
C HIS A 35 -7.16 4.69 3.16
N ASN A 36 -7.68 3.53 3.55
CA ASN A 36 -8.85 2.96 2.88
C ASN A 36 -8.50 2.56 1.44
N TYR A 37 -7.59 1.62 1.30
CA TYR A 37 -7.17 1.15 -0.02
C TYR A 37 -6.61 2.30 -0.85
N ASN A 38 -5.67 3.04 -0.27
CA ASN A 38 -5.05 4.16 -0.95
C ASN A 38 -3.54 3.96 -1.08
N ILE A 39 -3.14 3.19 -2.09
CA ILE A 39 -1.73 2.92 -2.32
C ILE A 39 -0.93 4.21 -2.39
N LEU A 40 -1.51 5.24 -3.00
CA LEU A 40 -0.85 6.53 -3.12
C LEU A 40 -0.39 7.04 -1.77
N GLN A 41 -1.29 7.06 -0.80
CA GLN A 41 -0.98 7.53 0.54
C GLN A 41 -0.11 6.51 1.28
N VAL A 42 -0.33 5.24 0.99
CA VAL A 42 0.42 4.16 1.63
C VAL A 42 1.92 4.29 1.33
N VAL A 43 2.26 4.28 0.04
CA VAL A 43 3.65 4.40 -0.37
C VAL A 43 4.29 5.66 0.20
N THR A 44 3.59 6.79 0.06
CA THR A 44 4.10 8.06 0.56
C THR A 44 4.36 7.99 2.06
N GLU A 45 3.56 7.19 2.76
CA GLU A 45 3.71 7.04 4.21
C GLU A 45 5.01 6.32 4.54
N LEU A 46 5.19 5.13 3.99
CA LEU A 46 6.38 4.33 4.23
C LEU A 46 7.63 5.12 3.89
N LEU A 47 7.56 5.89 2.81
CA LEU A 47 8.70 6.70 2.38
C LEU A 47 9.12 7.68 3.46
N GLN A 48 8.23 8.60 3.81
CA GLN A 48 8.51 9.59 4.84
C GLN A 48 8.82 8.91 6.17
N LEU A 49 7.97 7.99 6.57
CA LEU A 49 8.15 7.26 7.83
C LEU A 49 9.54 6.63 7.90
N ASN A 50 9.96 6.02 6.80
CA ASN A 50 11.26 5.37 6.73
C ASN A 50 12.38 6.39 6.93
N ASN A 51 12.13 7.63 6.50
CA ASN A 51 13.12 8.69 6.63
C ASN A 51 13.16 9.22 8.07
N ASN A 52 12.01 9.66 8.56
CA ASN A 52 11.91 10.19 9.91
C ASN A 52 11.26 9.17 10.85
N GLY A 1 -13.08 5.40 -9.50
CA GLY A 1 -13.10 4.22 -10.36
C GLY A 1 -14.32 3.35 -10.12
N PRO A 2 -14.44 2.26 -10.89
CA PRO A 2 -15.56 1.32 -10.77
C PRO A 2 -15.50 0.52 -9.48
N LEU A 3 -16.60 -0.16 -9.17
CA LEU A 3 -16.69 -0.97 -7.95
C LEU A 3 -15.76 -2.18 -8.05
N GLY A 4 -15.33 -2.68 -6.89
CA GLY A 4 -14.45 -3.83 -6.86
C GLY A 4 -14.44 -4.51 -5.51
N SER A 5 -13.66 -3.97 -4.58
CA SER A 5 -13.56 -4.54 -3.24
C SER A 5 -13.05 -5.98 -3.29
N SER A 6 -12.16 -6.24 -4.25
CA SER A 6 -11.60 -7.58 -4.41
C SER A 6 -10.22 -7.67 -3.76
N GLU A 7 -9.88 -8.86 -3.29
CA GLU A 7 -8.59 -9.09 -2.63
C GLU A 7 -7.46 -9.06 -3.66
N ASP A 8 -7.72 -9.60 -4.84
CA ASP A 8 -6.73 -9.63 -5.90
C ASP A 8 -6.15 -8.25 -6.15
N GLN A 9 -6.98 -7.23 -6.00
CA GLN A 9 -6.55 -5.85 -6.22
C GLN A 9 -5.37 -5.50 -5.31
N THR A 10 -5.45 -5.94 -4.06
CA THR A 10 -4.38 -5.67 -3.09
C THR A 10 -3.04 -6.16 -3.61
N ALA A 11 -3.02 -7.37 -4.16
CA ALA A 11 -1.80 -7.95 -4.70
C ALA A 11 -1.11 -6.99 -5.67
N ALA A 12 -1.90 -6.16 -6.34
CA ALA A 12 -1.37 -5.19 -7.29
C ALA A 12 -0.78 -3.98 -6.57
N LEU A 13 -1.41 -3.61 -5.45
CA LEU A 13 -0.94 -2.46 -4.67
C LEU A 13 0.35 -2.80 -3.93
N MET A 14 0.34 -3.91 -3.21
CA MET A 14 1.52 -4.34 -2.45
C MET A 14 2.75 -4.41 -3.36
N ALA A 15 2.53 -4.78 -4.61
CA ALA A 15 3.62 -4.88 -5.58
C ALA A 15 4.15 -3.51 -5.95
N HIS A 16 3.27 -2.52 -5.95
CA HIS A 16 3.64 -1.14 -6.29
C HIS A 16 4.69 -0.62 -5.31
N LEU A 17 4.59 -1.03 -4.05
CA LEU A 17 5.52 -0.60 -3.02
C LEU A 17 6.85 -1.35 -3.14
N PHE A 18 6.77 -2.66 -3.33
CA PHE A 18 7.96 -3.49 -3.46
C PHE A 18 8.85 -2.98 -4.59
N GLU A 19 8.24 -2.35 -5.59
CA GLU A 19 8.97 -1.82 -6.73
C GLU A 19 9.90 -0.69 -6.30
N MET A 20 9.61 -0.11 -5.14
CA MET A 20 10.43 0.99 -4.62
C MET A 20 11.60 0.46 -3.79
N GLY A 21 11.34 -0.60 -3.03
CA GLY A 21 12.37 -1.18 -2.20
C GLY A 21 11.97 -1.29 -0.74
N PHE A 22 10.72 -0.97 -0.46
CA PHE A 22 10.20 -1.02 0.91
C PHE A 22 10.40 -2.42 1.51
N CYS A 23 9.79 -3.41 0.88
CA CYS A 23 9.90 -4.79 1.35
C CYS A 23 9.28 -4.94 2.73
N ASP A 24 8.01 -4.53 2.86
CA ASP A 24 7.30 -4.62 4.13
C ASP A 24 5.84 -4.99 3.90
N ARG A 25 5.58 -6.26 3.67
CA ARG A 25 4.22 -6.74 3.43
C ARG A 25 3.33 -6.42 4.63
N GLN A 26 3.92 -6.35 5.80
CA GLN A 26 3.18 -6.06 7.02
C GLN A 26 2.74 -4.60 7.06
N LEU A 27 3.65 -3.71 6.69
CA LEU A 27 3.35 -2.27 6.67
C LEU A 27 2.28 -1.95 5.64
N ASN A 28 2.50 -2.39 4.41
CA ASN A 28 1.55 -2.16 3.32
C ASN A 28 0.16 -2.64 3.71
N LEU A 29 0.10 -3.66 4.56
CA LEU A 29 -1.17 -4.22 5.00
C LEU A 29 -1.85 -3.28 6.01
N ARG A 30 -1.11 -2.88 7.03
CA ARG A 30 -1.64 -2.00 8.07
C ARG A 30 -1.90 -0.61 7.49
N LEU A 31 -1.12 -0.23 6.48
CA LEU A 31 -1.27 1.08 5.84
C LEU A 31 -2.53 1.13 5.00
N LEU A 32 -2.72 0.12 4.16
CA LEU A 32 -3.89 0.05 3.30
C LEU A 32 -5.17 0.27 4.09
N LYS A 33 -5.35 -0.50 5.16
CA LYS A 33 -6.53 -0.39 6.00
C LYS A 33 -6.59 0.98 6.66
N LYS A 34 -5.44 1.63 6.79
CA LYS A 34 -5.37 2.95 7.40
C LYS A 34 -5.89 4.02 6.45
N HIS A 35 -5.53 3.91 5.18
CA HIS A 35 -5.96 4.86 4.17
C HIS A 35 -7.19 4.34 3.42
N ASN A 36 -7.68 3.18 3.84
CA ASN A 36 -8.85 2.58 3.21
C ASN A 36 -8.54 2.16 1.78
N TYR A 37 -7.60 1.24 1.62
CA TYR A 37 -7.20 0.76 0.30
C TYR A 37 -6.71 1.92 -0.58
N ASN A 38 -5.79 2.70 -0.03
CA ASN A 38 -5.23 3.83 -0.76
C ASN A 38 -3.72 3.68 -0.94
N ILE A 39 -3.32 2.92 -1.94
CA ILE A 39 -1.90 2.69 -2.21
C ILE A 39 -1.15 4.01 -2.30
N LEU A 40 -1.78 5.01 -2.91
CA LEU A 40 -1.16 6.32 -3.06
C LEU A 40 -0.70 6.86 -1.72
N GLN A 41 -1.59 6.86 -0.74
CA GLN A 41 -1.27 7.35 0.60
C GLN A 41 -0.38 6.35 1.34
N VAL A 42 -0.55 5.07 1.04
CA VAL A 42 0.24 4.03 1.68
C VAL A 42 1.73 4.23 1.42
N VAL A 43 2.11 4.22 0.14
CA VAL A 43 3.50 4.41 -0.24
C VAL A 43 4.05 5.73 0.30
N THR A 44 3.27 6.79 0.17
CA THR A 44 3.67 8.11 0.66
C THR A 44 4.05 8.05 2.13
N GLU A 45 3.30 7.28 2.90
CA GLU A 45 3.55 7.15 4.33
C GLU A 45 4.87 6.44 4.59
N LEU A 46 5.02 5.26 3.98
CA LEU A 46 6.23 4.47 4.14
C LEU A 46 7.48 5.30 3.81
N LEU A 47 7.36 6.15 2.79
CA LEU A 47 8.47 6.99 2.37
C LEU A 47 8.72 8.10 3.39
N GLN A 48 7.69 8.89 3.67
CA GLN A 48 7.81 9.98 4.64
C GLN A 48 8.33 9.47 5.98
N LEU A 49 7.71 8.43 6.49
CA LEU A 49 8.13 7.85 7.77
C LEU A 49 9.60 7.49 7.75
N ASN A 50 10.09 7.02 6.60
CA ASN A 50 11.48 6.65 6.45
C ASN A 50 12.29 7.78 5.84
N ASN A 51 11.84 9.01 6.05
CA ASN A 51 12.52 10.19 5.52
C ASN A 51 13.40 10.83 6.59
N ASN A 52 12.89 10.94 7.80
CA ASN A 52 13.64 11.53 8.91
C ASN A 52 13.81 10.52 10.05
N GLY A 1 -24.28 -1.66 -6.63
CA GLY A 1 -24.20 -2.95 -5.95
C GLY A 1 -23.06 -2.99 -4.96
N PRO A 2 -23.07 -4.01 -4.08
CA PRO A 2 -22.04 -4.18 -3.05
C PRO A 2 -20.68 -4.57 -3.65
N LEU A 3 -20.70 -5.51 -4.58
CA LEU A 3 -19.48 -5.98 -5.22
C LEU A 3 -19.13 -5.10 -6.42
N GLY A 4 -18.02 -4.38 -6.33
CA GLY A 4 -17.61 -3.52 -7.42
C GLY A 4 -16.13 -3.66 -7.75
N SER A 5 -15.28 -3.11 -6.90
CA SER A 5 -13.84 -3.17 -7.10
C SER A 5 -13.34 -4.62 -7.02
N SER A 6 -12.06 -4.81 -7.25
CA SER A 6 -11.46 -6.13 -7.20
C SER A 6 -10.32 -6.19 -6.18
N GLU A 7 -10.24 -7.29 -5.45
CA GLU A 7 -9.20 -7.47 -4.45
C GLU A 7 -7.83 -7.60 -5.10
N ASP A 8 -7.81 -8.16 -6.30
CA ASP A 8 -6.56 -8.35 -7.04
C ASP A 8 -5.82 -7.01 -7.19
N GLN A 9 -6.58 -5.92 -7.23
CA GLN A 9 -6.00 -4.59 -7.38
C GLN A 9 -4.93 -4.34 -6.31
N THR A 10 -5.30 -4.60 -5.05
CA THR A 10 -4.37 -4.40 -3.95
C THR A 10 -3.07 -5.13 -4.18
N ALA A 11 -3.16 -6.36 -4.66
CA ALA A 11 -1.97 -7.17 -4.93
C ALA A 11 -0.99 -6.42 -5.83
N ALA A 12 -1.53 -5.62 -6.75
CA ALA A 12 -0.69 -4.86 -7.66
C ALA A 12 -0.06 -3.66 -6.96
N LEU A 13 -0.84 -3.01 -6.09
CA LEU A 13 -0.35 -1.85 -5.36
C LEU A 13 0.83 -2.22 -4.47
N MET A 14 0.75 -3.38 -3.84
CA MET A 14 1.82 -3.85 -2.97
C MET A 14 3.14 -3.96 -3.73
N ALA A 15 3.05 -4.37 -4.99
CA ALA A 15 4.23 -4.51 -5.83
C ALA A 15 4.93 -3.17 -6.02
N HIS A 16 4.16 -2.09 -5.95
CA HIS A 16 4.70 -0.74 -6.13
C HIS A 16 5.65 -0.39 -4.98
N LEU A 17 5.31 -0.84 -3.78
CA LEU A 17 6.12 -0.58 -2.60
C LEU A 17 7.35 -1.49 -2.57
N PHE A 18 7.14 -2.77 -2.85
CA PHE A 18 8.23 -3.74 -2.85
C PHE A 18 9.30 -3.34 -3.85
N GLU A 19 8.91 -2.62 -4.89
CA GLU A 19 9.84 -2.17 -5.91
C GLU A 19 10.92 -1.29 -5.31
N MET A 20 10.57 -0.54 -4.27
CA MET A 20 11.51 0.35 -3.61
C MET A 20 12.46 -0.44 -2.70
N GLY A 21 11.93 -1.48 -2.06
CA GLY A 21 12.74 -2.30 -1.18
C GLY A 21 12.21 -2.33 0.23
N PHE A 22 10.95 -1.91 0.41
CA PHE A 22 10.32 -1.89 1.71
C PHE A 22 10.22 -3.31 2.29
N CYS A 23 9.57 -4.20 1.57
CA CYS A 23 9.40 -5.58 2.00
C CYS A 23 8.60 -5.64 3.30
N ASP A 24 7.44 -5.01 3.30
CA ASP A 24 6.57 -4.98 4.47
C ASP A 24 5.11 -5.15 4.08
N ARG A 25 4.72 -6.39 3.80
CA ARG A 25 3.35 -6.68 3.40
C ARG A 25 2.36 -6.30 4.52
N GLN A 26 2.83 -6.35 5.75
CA GLN A 26 2.00 -6.02 6.91
C GLN A 26 1.74 -4.52 6.96
N LEU A 27 2.72 -3.73 6.53
CA LEU A 27 2.60 -2.28 6.53
C LEU A 27 1.69 -1.81 5.39
N ASN A 28 2.00 -2.25 4.18
CA ASN A 28 1.22 -1.87 3.01
C ASN A 28 -0.26 -2.18 3.21
N LEU A 29 -0.53 -3.21 4.02
CA LEU A 29 -1.91 -3.61 4.30
C LEU A 29 -2.57 -2.64 5.27
N ARG A 30 -1.90 -2.37 6.40
CA ARG A 30 -2.42 -1.46 7.40
C ARG A 30 -2.47 -0.03 6.87
N LEU A 31 -1.56 0.28 5.95
CA LEU A 31 -1.50 1.61 5.36
C LEU A 31 -2.65 1.84 4.39
N LEU A 32 -2.86 0.88 3.50
CA LEU A 32 -3.94 0.97 2.52
C LEU A 32 -5.26 1.32 3.19
N LYS A 33 -5.62 0.55 4.22
CA LYS A 33 -6.86 0.77 4.94
C LYS A 33 -6.84 2.14 5.63
N LYS A 34 -5.64 2.65 5.90
CA LYS A 34 -5.49 3.94 6.55
C LYS A 34 -5.79 5.08 5.59
N HIS A 35 -5.29 4.95 4.36
CA HIS A 35 -5.50 5.97 3.34
C HIS A 35 -6.70 5.62 2.47
N ASN A 36 -7.36 4.51 2.78
CA ASN A 36 -8.52 4.06 2.02
C ASN A 36 -8.13 3.66 0.60
N TYR A 37 -7.29 2.64 0.49
CA TYR A 37 -6.84 2.16 -0.80
C TYR A 37 -6.11 3.26 -1.56
N ASN A 38 -5.16 3.91 -0.90
CA ASN A 38 -4.38 4.98 -1.51
C ASN A 38 -2.89 4.63 -1.53
N ILE A 39 -2.49 3.85 -2.53
CA ILE A 39 -1.09 3.46 -2.65
C ILE A 39 -0.17 4.67 -2.63
N LEU A 40 -0.62 5.75 -3.27
CA LEU A 40 0.17 6.99 -3.31
C LEU A 40 0.57 7.43 -1.92
N GLN A 41 -0.41 7.53 -1.02
CA GLN A 41 -0.16 7.94 0.35
C GLN A 41 0.54 6.84 1.13
N VAL A 42 0.25 5.59 0.79
CA VAL A 42 0.86 4.45 1.46
C VAL A 42 2.38 4.46 1.28
N VAL A 43 2.83 4.43 0.04
CA VAL A 43 4.26 4.44 -0.25
C VAL A 43 4.95 5.64 0.39
N THR A 44 4.38 6.82 0.18
CA THR A 44 4.94 8.04 0.74
C THR A 44 5.08 7.94 2.25
N GLU A 45 4.18 7.19 2.88
CA GLU A 45 4.20 7.02 4.33
C GLU A 45 5.39 6.16 4.75
N LEU A 46 5.46 4.94 4.21
CA LEU A 46 6.54 4.02 4.52
C LEU A 46 7.90 4.68 4.33
N LEU A 47 7.98 5.56 3.33
CA LEU A 47 9.21 6.27 3.03
C LEU A 47 9.47 7.38 4.03
N GLN A 48 8.49 8.27 4.18
CA GLN A 48 8.62 9.38 5.12
C GLN A 48 8.95 8.88 6.51
N LEU A 49 8.22 7.87 6.97
CA LEU A 49 8.44 7.30 8.29
C LEU A 49 9.85 6.72 8.40
N ASN A 50 10.40 6.29 7.28
CA ASN A 50 11.75 5.73 7.25
C ASN A 50 12.76 6.74 6.73
N ASN A 51 12.45 8.02 6.91
CA ASN A 51 13.34 9.09 6.46
C ASN A 51 14.63 9.10 7.27
N ASN A 52 14.52 8.81 8.56
CA ASN A 52 15.69 8.78 9.44
C ASN A 52 16.51 7.52 9.21
N GLY A 1 -9.98 4.27 -10.13
CA GLY A 1 -10.92 3.16 -10.09
C GLY A 1 -11.13 2.63 -8.68
N PRO A 2 -11.91 3.38 -7.88
CA PRO A 2 -12.21 3.00 -6.49
C PRO A 2 -13.12 1.79 -6.41
N LEU A 3 -13.83 1.51 -7.49
CA LEU A 3 -14.75 0.38 -7.55
C LEU A 3 -13.98 -0.94 -7.61
N GLY A 4 -13.66 -1.49 -6.45
CA GLY A 4 -12.93 -2.75 -6.40
C GLY A 4 -13.21 -3.53 -5.13
N SER A 5 -13.74 -4.74 -5.29
CA SER A 5 -14.05 -5.59 -4.15
C SER A 5 -13.48 -7.00 -4.34
N SER A 6 -12.16 -7.10 -4.25
CA SER A 6 -11.49 -8.39 -4.42
C SER A 6 -10.11 -8.37 -3.76
N GLU A 7 -9.75 -9.48 -3.14
CA GLU A 7 -8.46 -9.59 -2.45
C GLU A 7 -7.31 -9.56 -3.47
N ASP A 8 -7.59 -10.01 -4.68
CA ASP A 8 -6.59 -10.02 -5.74
C ASP A 8 -6.06 -8.61 -6.01
N GLN A 9 -6.96 -7.63 -5.95
CA GLN A 9 -6.59 -6.24 -6.19
C GLN A 9 -5.46 -5.81 -5.26
N THR A 10 -5.64 -6.05 -3.96
CA THR A 10 -4.65 -5.69 -2.97
C THR A 10 -3.27 -6.25 -3.33
N ALA A 11 -3.26 -7.48 -3.84
CA ALA A 11 -2.01 -8.12 -4.24
C ALA A 11 -1.25 -7.27 -5.26
N ALA A 12 -1.99 -6.62 -6.15
CA ALA A 12 -1.38 -5.79 -7.17
C ALA A 12 -0.81 -4.51 -6.57
N LEU A 13 -1.55 -3.90 -5.65
CA LEU A 13 -1.10 -2.68 -4.99
C LEU A 13 0.20 -2.91 -4.23
N MET A 14 0.27 -4.03 -3.52
CA MET A 14 1.46 -4.36 -2.74
C MET A 14 2.70 -4.36 -3.64
N ALA A 15 2.52 -4.78 -4.88
CA ALA A 15 3.62 -4.82 -5.84
C ALA A 15 4.12 -3.42 -6.17
N HIS A 16 3.23 -2.44 -6.08
CA HIS A 16 3.59 -1.06 -6.37
C HIS A 16 4.58 -0.53 -5.35
N LEU A 17 4.44 -0.97 -4.10
CA LEU A 17 5.33 -0.54 -3.03
C LEU A 17 6.67 -1.26 -3.11
N PHE A 18 6.61 -2.57 -3.32
CA PHE A 18 7.84 -3.37 -3.42
C PHE A 18 8.75 -2.84 -4.52
N GLU A 19 8.16 -2.21 -5.52
CA GLU A 19 8.93 -1.66 -6.63
C GLU A 19 9.80 -0.49 -6.17
N MET A 20 9.43 0.10 -5.03
CA MET A 20 10.18 1.23 -4.48
C MET A 20 11.35 0.73 -3.65
N GLY A 21 11.14 -0.37 -2.92
CA GLY A 21 12.19 -0.92 -2.09
C GLY A 21 11.77 -1.10 -0.65
N PHE A 22 10.48 -0.87 -0.38
CA PHE A 22 9.94 -1.00 0.96
C PHE A 22 10.11 -2.43 1.48
N CYS A 23 9.45 -3.38 0.82
CA CYS A 23 9.52 -4.77 1.21
C CYS A 23 8.94 -4.98 2.61
N ASP A 24 7.76 -4.40 2.84
CA ASP A 24 7.09 -4.53 4.13
C ASP A 24 5.63 -4.89 3.95
N ARG A 25 5.36 -6.17 3.69
CA ARG A 25 4.01 -6.66 3.50
C ARG A 25 3.14 -6.34 4.71
N GLN A 26 3.78 -6.25 5.87
CA GLN A 26 3.06 -5.96 7.12
C GLN A 26 2.60 -4.51 7.16
N LEU A 27 3.40 -3.62 6.58
CA LEU A 27 3.08 -2.20 6.54
C LEU A 27 2.01 -1.91 5.49
N ASN A 28 2.25 -2.37 4.27
CA ASN A 28 1.32 -2.16 3.17
C ASN A 28 -0.08 -2.64 3.55
N LEU A 29 -0.13 -3.64 4.44
CA LEU A 29 -1.40 -4.19 4.89
C LEU A 29 -2.07 -3.27 5.90
N ARG A 30 -1.33 -2.88 6.93
CA ARG A 30 -1.85 -2.00 7.97
C ARG A 30 -2.14 -0.61 7.40
N LEU A 31 -1.40 -0.24 6.38
CA LEU A 31 -1.57 1.08 5.74
C LEU A 31 -2.84 1.09 4.90
N LEU A 32 -3.03 0.07 4.08
CA LEU A 32 -4.20 -0.03 3.21
C LEU A 32 -5.48 0.17 4.02
N LYS A 33 -5.61 -0.57 5.12
CA LYS A 33 -6.78 -0.48 5.97
C LYS A 33 -6.88 0.91 6.60
N LYS A 34 -5.74 1.59 6.71
CA LYS A 34 -5.71 2.93 7.29
C LYS A 34 -6.26 3.96 6.32
N HIS A 35 -5.85 3.86 5.06
CA HIS A 35 -6.31 4.78 4.02
C HIS A 35 -7.53 4.22 3.30
N ASN A 36 -7.99 3.06 3.73
CA ASN A 36 -9.15 2.42 3.12
C ASN A 36 -8.87 2.02 1.68
N TYR A 37 -7.93 1.10 1.50
CA TYR A 37 -7.56 0.63 0.17
C TYR A 37 -7.06 1.79 -0.70
N ASN A 38 -6.12 2.57 -0.16
CA ASN A 38 -5.57 3.71 -0.88
C ASN A 38 -4.06 3.57 -1.04
N ILE A 39 -3.65 2.79 -2.03
CA ILE A 39 -2.23 2.57 -2.29
C ILE A 39 -1.49 3.89 -2.41
N LEU A 40 -2.12 4.86 -3.05
CA LEU A 40 -1.51 6.18 -3.23
C LEU A 40 -1.05 6.75 -1.89
N GLN A 41 -1.95 6.77 -0.92
CA GLN A 41 -1.64 7.29 0.41
C GLN A 41 -0.73 6.32 1.16
N VAL A 42 -0.89 5.04 0.91
CA VAL A 42 -0.08 4.02 1.56
C VAL A 42 1.41 4.24 1.29
N VAL A 43 1.78 4.20 0.01
CA VAL A 43 3.17 4.40 -0.38
C VAL A 43 3.72 5.72 0.18
N THR A 44 2.96 6.79 0.00
CA THR A 44 3.38 8.10 0.48
C THR A 44 3.74 8.06 1.96
N GLU A 45 2.98 7.29 2.73
CA GLU A 45 3.23 7.15 4.15
C GLU A 45 4.55 6.43 4.41
N LEU A 46 4.71 5.27 3.79
CA LEU A 46 5.93 4.47 3.96
C LEU A 46 7.16 5.28 3.57
N LEU A 47 7.02 6.08 2.52
CA LEU A 47 8.13 6.91 2.04
C LEU A 47 8.57 7.89 3.12
N GLN A 48 7.67 8.79 3.51
CA GLN A 48 7.98 9.79 4.53
C GLN A 48 8.37 9.12 5.84
N LEU A 49 7.55 8.18 6.29
CA LEU A 49 7.81 7.47 7.53
C LEU A 49 9.20 6.83 7.50
N ASN A 50 9.58 6.30 6.35
CA ASN A 50 10.89 5.65 6.20
C ASN A 50 11.90 6.63 5.59
N ASN A 51 11.69 7.92 5.82
CA ASN A 51 12.57 8.95 5.30
C ASN A 51 13.44 9.53 6.40
N ASN A 52 12.81 9.88 7.52
CA ASN A 52 13.53 10.45 8.66
C ASN A 52 14.12 9.35 9.54
N GLY A 1 -18.18 -1.61 -2.95
CA GLY A 1 -18.36 -2.90 -3.58
C GLY A 1 -19.81 -3.34 -3.60
N PRO A 2 -20.64 -2.64 -4.38
CA PRO A 2 -22.07 -2.94 -4.51
C PRO A 2 -22.32 -4.24 -5.24
N LEU A 3 -21.49 -4.54 -6.23
CA LEU A 3 -21.62 -5.75 -7.02
C LEU A 3 -20.34 -6.59 -6.96
N GLY A 4 -19.60 -6.44 -5.86
CA GLY A 4 -18.36 -7.19 -5.70
C GLY A 4 -17.13 -6.30 -5.85
N SER A 5 -15.98 -6.84 -5.46
CA SER A 5 -14.73 -6.08 -5.54
C SER A 5 -13.62 -6.97 -6.09
N SER A 6 -12.46 -6.35 -6.39
CA SER A 6 -11.33 -7.07 -6.92
C SER A 6 -10.10 -6.88 -6.05
N GLU A 7 -9.98 -7.70 -5.00
CA GLU A 7 -8.85 -7.62 -4.08
C GLU A 7 -7.53 -7.79 -4.83
N ASP A 8 -7.59 -8.42 -5.99
CA ASP A 8 -6.40 -8.65 -6.79
C ASP A 8 -5.63 -7.35 -7.02
N GLN A 9 -6.37 -6.24 -7.05
CA GLN A 9 -5.76 -4.94 -7.26
C GLN A 9 -4.67 -4.68 -6.23
N THR A 10 -4.89 -5.12 -5.00
CA THR A 10 -3.93 -4.94 -3.93
C THR A 10 -2.56 -5.50 -4.31
N ALA A 11 -2.56 -6.71 -4.87
CA ALA A 11 -1.33 -7.36 -5.28
C ALA A 11 -0.49 -6.43 -6.15
N ALA A 12 -1.15 -5.55 -6.89
CA ALA A 12 -0.47 -4.61 -7.77
C ALA A 12 0.12 -3.45 -6.97
N LEU A 13 -0.59 -3.04 -5.92
CA LEU A 13 -0.15 -1.94 -5.07
C LEU A 13 1.03 -2.36 -4.21
N MET A 14 0.88 -3.48 -3.51
CA MET A 14 1.94 -3.99 -2.65
C MET A 14 3.24 -4.13 -3.42
N ALA A 15 3.15 -4.48 -4.69
CA ALA A 15 4.32 -4.64 -5.54
C ALA A 15 4.98 -3.29 -5.83
N HIS A 16 4.16 -2.25 -5.89
CA HIS A 16 4.66 -0.90 -6.18
C HIS A 16 5.62 -0.44 -5.08
N LEU A 17 5.35 -0.87 -3.85
CA LEU A 17 6.19 -0.49 -2.71
C LEU A 17 7.48 -1.32 -2.69
N PHE A 18 7.34 -2.62 -2.92
CA PHE A 18 8.49 -3.52 -2.93
C PHE A 18 9.53 -3.06 -3.95
N GLU A 19 9.06 -2.38 -4.99
CA GLU A 19 9.96 -1.88 -6.02
C GLU A 19 10.91 -0.83 -5.47
N MET A 20 10.54 -0.22 -4.36
CA MET A 20 11.35 0.81 -3.73
C MET A 20 12.39 0.17 -2.80
N GLY A 21 11.98 -0.88 -2.10
CA GLY A 21 12.89 -1.55 -1.18
C GLY A 21 12.34 -1.64 0.23
N PHE A 22 11.08 -1.27 0.39
CA PHE A 22 10.42 -1.30 1.70
C PHE A 22 10.46 -2.71 2.29
N CYS A 23 9.86 -3.66 1.58
CA CYS A 23 9.84 -5.04 2.03
C CYS A 23 9.06 -5.17 3.34
N ASP A 24 7.83 -4.68 3.34
CA ASP A 24 6.98 -4.74 4.54
C ASP A 24 5.53 -4.98 4.15
N ARG A 25 5.20 -6.23 3.85
CA ARG A 25 3.84 -6.59 3.48
C ARG A 25 2.85 -6.23 4.59
N GLN A 26 3.34 -6.20 5.82
CA GLN A 26 2.49 -5.87 6.97
C GLN A 26 2.13 -4.39 6.96
N LEU A 27 3.12 -3.54 6.71
CA LEU A 27 2.90 -2.09 6.68
C LEU A 27 1.96 -1.72 5.54
N ASN A 28 2.30 -2.16 4.34
CA ASN A 28 1.48 -1.87 3.16
C ASN A 28 0.02 -2.26 3.40
N LEU A 29 -0.18 -3.27 4.23
CA LEU A 29 -1.52 -3.74 4.54
C LEU A 29 -2.25 -2.78 5.48
N ARG A 30 -1.59 -2.43 6.58
CA ARG A 30 -2.16 -1.51 7.55
C ARG A 30 -2.27 -0.10 6.98
N LEU A 31 -1.38 0.22 6.05
CA LEU A 31 -1.39 1.54 5.41
C LEU A 31 -2.55 1.66 4.42
N LEU A 32 -2.69 0.66 3.56
CA LEU A 32 -3.76 0.66 2.57
C LEU A 32 -5.11 0.94 3.21
N LYS A 33 -5.45 0.16 4.24
CA LYS A 33 -6.71 0.33 4.94
C LYS A 33 -6.77 1.70 5.63
N LYS A 34 -5.60 2.27 5.90
CA LYS A 34 -5.53 3.58 6.53
C LYS A 34 -5.88 4.69 5.56
N HIS A 35 -5.39 4.57 4.33
CA HIS A 35 -5.66 5.57 3.30
C HIS A 35 -6.83 5.13 2.41
N ASN A 36 -7.42 3.98 2.75
CA ASN A 36 -8.54 3.46 1.98
C ASN A 36 -8.11 3.05 0.57
N TYR A 37 -7.19 2.09 0.50
CA TYR A 37 -6.69 1.61 -0.77
C TYR A 37 -6.03 2.74 -1.56
N ASN A 38 -5.13 3.47 -0.90
CA ASN A 38 -4.43 4.57 -1.54
C ASN A 38 -2.93 4.33 -1.55
N ILE A 39 -2.47 3.55 -2.52
CA ILE A 39 -1.05 3.24 -2.65
C ILE A 39 -0.20 4.51 -2.63
N LEU A 40 -0.71 5.55 -3.29
CA LEU A 40 0.00 6.83 -3.35
C LEU A 40 0.35 7.32 -1.95
N GLN A 41 -0.64 7.37 -1.08
CA GLN A 41 -0.44 7.82 0.29
C GLN A 41 0.31 6.77 1.11
N VAL A 42 0.10 5.50 0.77
CA VAL A 42 0.76 4.41 1.47
C VAL A 42 2.27 4.52 1.37
N VAL A 43 2.77 4.50 0.13
CA VAL A 43 4.21 4.60 -0.10
C VAL A 43 4.78 5.86 0.53
N THR A 44 4.12 6.99 0.30
CA THR A 44 4.57 8.26 0.84
C THR A 44 4.77 8.18 2.36
N GLU A 45 3.86 7.47 3.02
CA GLU A 45 3.94 7.29 4.47
C GLU A 45 5.18 6.49 4.86
N LEU A 46 5.34 5.33 4.23
CA LEU A 46 6.48 4.46 4.52
C LEU A 46 7.79 5.22 4.33
N LEU A 47 7.88 5.98 3.24
CA LEU A 47 9.09 6.74 2.94
C LEU A 47 9.40 7.72 4.08
N GLN A 48 8.50 8.67 4.30
CA GLN A 48 8.68 9.66 5.36
C GLN A 48 8.93 8.99 6.70
N LEU A 49 8.09 8.02 7.04
CA LEU A 49 8.22 7.29 8.30
C LEU A 49 9.64 6.76 8.47
N ASN A 50 10.23 6.30 7.38
CA ASN A 50 11.59 5.76 7.41
C ASN A 50 12.61 6.88 7.44
N ASN A 51 12.24 8.03 6.89
CA ASN A 51 13.13 9.19 6.86
C ASN A 51 13.25 9.83 8.24
N ASN A 52 12.15 9.79 8.99
CA ASN A 52 12.14 10.37 10.34
C ASN A 52 12.75 11.76 10.33
N GLY A 1 -15.79 4.67 -7.09
CA GLY A 1 -16.72 3.76 -7.73
C GLY A 1 -16.03 2.59 -8.38
N PRO A 2 -15.53 1.65 -7.55
CA PRO A 2 -14.84 0.46 -8.03
C PRO A 2 -15.78 -0.52 -8.73
N LEU A 3 -16.97 -0.70 -8.16
CA LEU A 3 -17.96 -1.60 -8.72
C LEU A 3 -17.38 -2.99 -8.92
N GLY A 4 -16.37 -3.33 -8.12
CA GLY A 4 -15.74 -4.63 -8.22
C GLY A 4 -14.85 -4.95 -7.04
N SER A 5 -15.44 -5.54 -6.00
CA SER A 5 -14.70 -5.89 -4.80
C SER A 5 -13.89 -7.17 -5.00
N SER A 6 -12.56 -7.06 -4.89
CA SER A 6 -11.69 -8.20 -5.07
C SER A 6 -10.40 -8.03 -4.26
N GLU A 7 -9.96 -9.10 -3.61
CA GLU A 7 -8.75 -9.07 -2.81
C GLU A 7 -7.51 -9.13 -3.69
N ASP A 8 -7.65 -9.74 -4.85
CA ASP A 8 -6.54 -9.87 -5.80
C ASP A 8 -5.95 -8.49 -6.12
N GLN A 9 -6.79 -7.46 -6.04
CA GLN A 9 -6.35 -6.09 -6.33
C GLN A 9 -5.27 -5.65 -5.35
N THR A 10 -5.53 -5.86 -4.06
CA THR A 10 -4.58 -5.48 -3.02
C THR A 10 -3.21 -6.08 -3.28
N ALA A 11 -3.20 -7.33 -3.75
CA ALA A 11 -1.95 -8.02 -4.05
C ALA A 11 -1.15 -7.27 -5.11
N ALA A 12 -1.85 -6.60 -6.01
CA ALA A 12 -1.20 -5.84 -7.08
C ALA A 12 -0.60 -4.55 -6.54
N LEU A 13 -1.30 -3.92 -5.61
CA LEU A 13 -0.83 -2.66 -5.02
C LEU A 13 0.43 -2.90 -4.20
N MET A 14 0.50 -4.04 -3.53
CA MET A 14 1.65 -4.39 -2.72
C MET A 14 2.93 -4.38 -3.54
N ALA A 15 2.82 -4.78 -4.81
CA ALA A 15 3.96 -4.82 -5.70
C ALA A 15 4.47 -3.41 -6.02
N HIS A 16 3.57 -2.44 -5.96
CA HIS A 16 3.92 -1.05 -6.23
C HIS A 16 4.91 -0.52 -5.20
N LEU A 17 4.75 -0.97 -3.96
CA LEU A 17 5.63 -0.54 -2.87
C LEU A 17 6.97 -1.27 -2.94
N PHE A 18 6.90 -2.59 -3.15
CA PHE A 18 8.11 -3.40 -3.24
C PHE A 18 9.04 -2.88 -4.33
N GLU A 19 8.46 -2.25 -5.34
CA GLU A 19 9.24 -1.71 -6.45
C GLU A 19 10.28 -0.71 -5.95
N MET A 20 9.95 0.00 -4.87
CA MET A 20 10.85 0.98 -4.29
C MET A 20 11.94 0.30 -3.46
N GLY A 21 11.55 -0.75 -2.74
CA GLY A 21 12.50 -1.47 -1.91
C GLY A 21 12.06 -1.56 -0.46
N PHE A 22 10.83 -1.14 -0.20
CA PHE A 22 10.29 -1.17 1.16
C PHE A 22 10.40 -2.57 1.76
N CYS A 23 9.76 -3.53 1.11
CA CYS A 23 9.78 -4.92 1.58
C CYS A 23 9.12 -5.03 2.95
N ASP A 24 7.89 -4.56 3.04
CA ASP A 24 7.14 -4.61 4.29
C ASP A 24 5.67 -4.92 4.04
N ARG A 25 5.36 -6.20 3.80
CA ARG A 25 4.00 -6.62 3.53
C ARG A 25 3.08 -6.28 4.70
N GLN A 26 3.67 -6.18 5.90
CA GLN A 26 2.91 -5.87 7.10
C GLN A 26 2.47 -4.40 7.09
N LEU A 27 3.40 -3.52 6.75
CA LEU A 27 3.11 -2.08 6.71
C LEU A 27 2.07 -1.77 5.64
N ASN A 28 2.31 -2.23 4.42
CA ASN A 28 1.39 -2.00 3.32
C ASN A 28 -0.02 -2.48 3.67
N LEU A 29 -0.09 -3.48 4.55
CA LEU A 29 -1.37 -4.02 4.97
C LEU A 29 -2.07 -3.07 5.94
N ARG A 30 -1.35 -2.65 6.98
CA ARG A 30 -1.90 -1.75 7.98
C ARG A 30 -2.14 -0.37 7.38
N LEU A 31 -1.35 -0.02 6.38
CA LEU A 31 -1.47 1.28 5.72
C LEU A 31 -2.70 1.31 4.81
N LEU A 32 -2.91 0.24 4.05
CA LEU A 32 -4.04 0.14 3.15
C LEU A 32 -5.35 0.35 3.90
N LYS A 33 -5.50 -0.33 5.03
CA LYS A 33 -6.70 -0.22 5.85
C LYS A 33 -6.81 1.16 6.47
N LYS A 34 -5.67 1.84 6.62
CA LYS A 34 -5.64 3.17 7.20
C LYS A 34 -6.14 4.21 6.19
N HIS A 35 -5.66 4.12 4.96
CA HIS A 35 -6.06 5.05 3.92
C HIS A 35 -7.26 4.51 3.14
N ASN A 36 -7.72 3.32 3.52
CA ASN A 36 -8.85 2.70 2.86
C ASN A 36 -8.52 2.33 1.41
N TYR A 37 -7.65 1.33 1.25
CA TYR A 37 -7.24 0.89 -0.07
C TYR A 37 -6.70 2.05 -0.90
N ASN A 38 -5.77 2.79 -0.31
CA ASN A 38 -5.17 3.94 -0.99
C ASN A 38 -3.66 3.75 -1.15
N ILE A 39 -3.27 2.95 -2.13
CA ILE A 39 -1.86 2.68 -2.39
C ILE A 39 -1.07 3.97 -2.50
N LEU A 40 -1.68 4.98 -3.14
CA LEU A 40 -1.04 6.27 -3.32
C LEU A 40 -0.53 6.82 -1.99
N GLN A 41 -1.43 6.87 -1.00
CA GLN A 41 -1.07 7.37 0.33
C GLN A 41 -0.20 6.37 1.07
N VAL A 42 -0.46 5.08 0.84
CA VAL A 42 0.30 4.02 1.50
C VAL A 42 1.79 4.12 1.16
N VAL A 43 2.09 4.17 -0.12
CA VAL A 43 3.47 4.28 -0.58
C VAL A 43 4.13 5.55 -0.06
N THR A 44 3.41 6.66 -0.16
CA THR A 44 3.93 7.95 0.30
C THR A 44 4.21 7.92 1.79
N GLU A 45 3.32 7.27 2.55
CA GLU A 45 3.48 7.17 4.00
C GLU A 45 4.79 6.48 4.36
N LEU A 46 4.96 5.27 3.85
CA LEU A 46 6.17 4.50 4.12
C LEU A 46 7.42 5.30 3.78
N LEU A 47 7.33 6.15 2.77
CA LEU A 47 8.45 6.98 2.35
C LEU A 47 8.87 7.92 3.48
N GLN A 48 7.97 8.82 3.86
CA GLN A 48 8.24 9.78 4.93
C GLN A 48 8.51 9.06 6.24
N LEU A 49 7.61 8.15 6.61
CA LEU A 49 7.74 7.40 7.85
C LEU A 49 9.11 6.75 7.95
N ASN A 50 9.68 6.40 6.79
CA ASN A 50 11.00 5.77 6.75
C ASN A 50 12.10 6.81 6.90
N ASN A 51 11.90 7.98 6.30
CA ASN A 51 12.87 9.06 6.36
C ASN A 51 13.11 9.50 7.80
N ASN A 52 12.02 9.68 8.55
CA ASN A 52 12.10 10.11 9.94
C ASN A 52 10.83 9.73 10.70
N GLY A 1 -14.21 4.54 -14.48
CA GLY A 1 -14.44 3.13 -14.75
C GLY A 1 -15.15 2.43 -13.59
N PRO A 2 -15.25 1.10 -13.68
CA PRO A 2 -15.92 0.28 -12.66
C PRO A 2 -15.13 0.24 -11.35
N LEU A 3 -15.67 -0.45 -10.36
CA LEU A 3 -15.02 -0.57 -9.06
C LEU A 3 -14.40 -1.94 -8.88
N GLY A 4 -13.58 -2.09 -7.85
CA GLY A 4 -12.94 -3.37 -7.59
C GLY A 4 -13.12 -3.83 -6.15
N SER A 5 -14.31 -4.34 -5.84
CA SER A 5 -14.60 -4.81 -4.49
C SER A 5 -14.08 -6.23 -4.28
N SER A 6 -12.77 -6.35 -4.10
CA SER A 6 -12.15 -7.65 -3.90
C SER A 6 -10.79 -7.50 -3.21
N GLU A 7 -10.35 -8.57 -2.55
CA GLU A 7 -9.07 -8.56 -1.85
C GLU A 7 -7.91 -8.72 -2.83
N ASP A 8 -8.19 -9.37 -3.96
CA ASP A 8 -7.16 -9.60 -4.98
C ASP A 8 -6.54 -8.28 -5.42
N GLN A 9 -7.33 -7.21 -5.36
CA GLN A 9 -6.85 -5.89 -5.76
C GLN A 9 -5.65 -5.46 -4.93
N THR A 10 -5.73 -5.71 -3.62
CA THR A 10 -4.63 -5.36 -2.72
C THR A 10 -3.31 -5.94 -3.19
N ALA A 11 -3.34 -7.18 -3.65
CA ALA A 11 -2.13 -7.84 -4.14
C ALA A 11 -1.44 -7.00 -5.20
N ALA A 12 -2.23 -6.32 -6.03
CA ALA A 12 -1.69 -5.48 -7.08
C ALA A 12 -1.07 -4.21 -6.51
N LEU A 13 -1.74 -3.63 -5.52
CA LEU A 13 -1.25 -2.41 -4.89
C LEU A 13 0.07 -2.66 -4.17
N MET A 14 0.17 -3.79 -3.48
CA MET A 14 1.38 -4.15 -2.75
C MET A 14 2.59 -4.17 -3.68
N ALA A 15 2.35 -4.57 -4.93
CA ALA A 15 3.42 -4.64 -5.92
C ALA A 15 3.95 -3.24 -6.24
N HIS A 16 3.10 -2.24 -6.10
CA HIS A 16 3.47 -0.86 -6.37
C HIS A 16 4.54 -0.37 -5.38
N LEU A 17 4.41 -0.83 -4.14
CA LEU A 17 5.36 -0.44 -3.09
C LEU A 17 6.67 -1.21 -3.23
N PHE A 18 6.56 -2.52 -3.46
CA PHE A 18 7.73 -3.36 -3.61
C PHE A 18 8.64 -2.85 -4.73
N GLU A 19 8.03 -2.18 -5.70
CA GLU A 19 8.79 -1.64 -6.84
C GLU A 19 9.86 -0.67 -6.35
N MET A 20 9.59 0.03 -5.26
CA MET A 20 10.54 0.98 -4.70
C MET A 20 11.67 0.26 -3.97
N GLY A 21 11.33 -0.83 -3.29
CA GLY A 21 12.32 -1.58 -2.56
C GLY A 21 12.01 -1.67 -1.08
N PHE A 22 10.76 -1.46 -0.72
CA PHE A 22 10.33 -1.51 0.68
C PHE A 22 10.40 -2.94 1.21
N CYS A 23 9.72 -3.86 0.52
CA CYS A 23 9.70 -5.26 0.94
C CYS A 23 9.06 -5.42 2.30
N ASP A 24 8.09 -4.55 2.60
CA ASP A 24 7.39 -4.59 3.87
C ASP A 24 5.92 -4.93 3.68
N ARG A 25 5.62 -6.20 3.47
CA ARG A 25 4.25 -6.65 3.26
C ARG A 25 3.39 -6.37 4.50
N GLN A 26 4.03 -6.35 5.66
CA GLN A 26 3.33 -6.10 6.91
C GLN A 26 2.91 -4.63 7.01
N LEU A 27 3.73 -3.75 6.44
CA LEU A 27 3.45 -2.33 6.46
C LEU A 27 2.34 -1.97 5.47
N ASN A 28 2.52 -2.39 4.22
CA ASN A 28 1.53 -2.12 3.18
C ASN A 28 0.15 -2.59 3.60
N LEU A 29 0.10 -3.61 4.44
CA LEU A 29 -1.16 -4.16 4.92
C LEU A 29 -1.77 -3.26 5.98
N ARG A 30 -0.99 -2.91 6.98
CA ARG A 30 -1.45 -2.04 8.06
C ARG A 30 -1.73 -0.63 7.55
N LEU A 31 -1.01 -0.24 6.51
CA LEU A 31 -1.16 1.08 5.93
C LEU A 31 -2.47 1.17 5.14
N LEU A 32 -2.70 0.19 4.27
CA LEU A 32 -3.92 0.16 3.46
C LEU A 32 -5.16 0.33 4.34
N LYS A 33 -5.22 -0.43 5.43
CA LYS A 33 -6.35 -0.36 6.34
C LYS A 33 -6.43 1.01 7.01
N LYS A 34 -5.30 1.69 7.09
CA LYS A 34 -5.25 3.02 7.70
C LYS A 34 -5.81 4.07 6.76
N HIS A 35 -5.42 4.00 5.49
CA HIS A 35 -5.90 4.95 4.48
C HIS A 35 -7.17 4.43 3.81
N ASN A 36 -7.61 3.26 4.23
CA ASN A 36 -8.82 2.65 3.66
C ASN A 36 -8.60 2.30 2.20
N TYR A 37 -7.71 1.35 1.94
CA TYR A 37 -7.41 0.92 0.58
C TYR A 37 -6.93 2.10 -0.26
N ASN A 38 -5.95 2.83 0.25
CA ASN A 38 -5.40 3.98 -0.46
C ASN A 38 -3.90 3.80 -0.71
N ILE A 39 -3.56 3.04 -1.75
CA ILE A 39 -2.17 2.79 -2.09
C ILE A 39 -1.40 4.10 -2.21
N LEU A 40 -2.05 5.12 -2.78
CA LEU A 40 -1.41 6.42 -2.96
C LEU A 40 -0.85 6.93 -1.65
N GLN A 41 -1.70 6.94 -0.61
CA GLN A 41 -1.27 7.42 0.70
C GLN A 41 -0.34 6.40 1.38
N VAL A 42 -0.57 5.13 1.11
CA VAL A 42 0.25 4.07 1.68
C VAL A 42 1.71 4.22 1.28
N VAL A 43 1.96 4.23 -0.03
CA VAL A 43 3.32 4.38 -0.53
C VAL A 43 3.98 5.64 0.00
N THR A 44 3.30 6.77 -0.14
CA THR A 44 3.83 8.04 0.34
C THR A 44 4.19 7.97 1.81
N GLU A 45 3.42 7.18 2.57
CA GLU A 45 3.67 7.03 4.00
C GLU A 45 5.00 6.34 4.24
N LEU A 46 5.14 5.12 3.72
CA LEU A 46 6.37 4.35 3.88
C LEU A 46 7.58 5.17 3.47
N LEU A 47 7.44 5.93 2.40
CA LEU A 47 8.53 6.77 1.91
C LEU A 47 8.93 7.82 2.95
N GLN A 48 7.98 8.70 3.27
CA GLN A 48 8.22 9.75 4.25
C GLN A 48 8.73 9.17 5.56
N LEU A 49 8.17 8.03 5.96
CA LEU A 49 8.57 7.38 7.20
C LEU A 49 10.08 7.20 7.26
N ASN A 50 10.66 6.84 6.12
CA ASN A 50 12.11 6.64 6.05
C ASN A 50 12.86 7.93 6.34
N ASN A 51 12.31 9.05 5.88
CA ASN A 51 12.92 10.35 6.10
C ASN A 51 12.80 10.78 7.56
N ASN A 52 11.70 10.39 8.18
CA ASN A 52 11.46 10.73 9.59
C ASN A 52 11.41 12.24 9.77
N GLY A 1 -19.61 -0.64 -14.44
CA GLY A 1 -20.36 -0.33 -13.23
C GLY A 1 -19.58 -0.66 -11.97
N PRO A 2 -20.17 -0.34 -10.81
CA PRO A 2 -19.54 -0.59 -9.51
C PRO A 2 -19.48 -2.07 -9.18
N LEU A 3 -18.45 -2.74 -9.67
CA LEU A 3 -18.27 -4.17 -9.43
C LEU A 3 -18.23 -4.46 -7.94
N GLY A 4 -17.84 -3.46 -7.16
CA GLY A 4 -17.77 -3.63 -5.71
C GLY A 4 -16.35 -3.55 -5.19
N SER A 5 -15.84 -4.67 -4.68
CA SER A 5 -14.49 -4.71 -4.14
C SER A 5 -13.84 -6.07 -4.41
N SER A 6 -12.55 -6.05 -4.69
CA SER A 6 -11.80 -7.27 -4.98
C SER A 6 -10.51 -7.33 -4.18
N GLU A 7 -10.13 -8.54 -3.75
CA GLU A 7 -8.92 -8.72 -2.98
C GLU A 7 -7.68 -8.62 -3.87
N ASP A 8 -7.78 -9.19 -5.07
CA ASP A 8 -6.67 -9.17 -6.02
C ASP A 8 -6.16 -7.75 -6.22
N GLN A 9 -7.05 -6.78 -6.08
CA GLN A 9 -6.69 -5.37 -6.25
C GLN A 9 -5.50 -5.01 -5.37
N THR A 10 -5.65 -5.24 -4.07
CA THR A 10 -4.58 -4.94 -3.11
C THR A 10 -3.29 -5.65 -3.49
N ALA A 11 -3.41 -6.88 -3.98
CA ALA A 11 -2.25 -7.66 -4.37
C ALA A 11 -1.39 -6.90 -5.37
N ALA A 12 -2.03 -6.13 -6.24
CA ALA A 12 -1.33 -5.35 -7.24
C ALA A 12 -0.67 -4.12 -6.62
N LEU A 13 -1.38 -3.47 -5.70
CA LEU A 13 -0.86 -2.29 -5.02
C LEU A 13 0.40 -2.62 -4.23
N MET A 14 0.39 -3.77 -3.58
CA MET A 14 1.53 -4.20 -2.78
C MET A 14 2.80 -4.25 -3.62
N ALA A 15 2.65 -4.65 -4.88
CA ALA A 15 3.78 -4.74 -5.80
C ALA A 15 4.39 -3.36 -6.05
N HIS A 16 3.57 -2.32 -5.94
CA HIS A 16 4.02 -0.95 -6.15
C HIS A 16 5.00 -0.53 -5.06
N LEU A 17 4.77 -1.00 -3.84
CA LEU A 17 5.63 -0.67 -2.72
C LEU A 17 6.92 -1.49 -2.75
N PHE A 18 6.77 -2.79 -3.02
CA PHE A 18 7.93 -3.68 -3.09
C PHE A 18 8.93 -3.21 -4.13
N GLU A 19 8.42 -2.52 -5.15
CA GLU A 19 9.27 -2.00 -6.22
C GLU A 19 10.25 -0.95 -5.69
N MET A 20 9.90 -0.36 -4.56
CA MET A 20 10.75 0.66 -3.94
C MET A 20 11.82 0.02 -3.06
N GLY A 21 11.44 -1.05 -2.36
CA GLY A 21 12.37 -1.74 -1.49
C GLY A 21 11.87 -1.83 -0.06
N PHE A 22 10.61 -1.47 0.15
CA PHE A 22 10.01 -1.51 1.47
C PHE A 22 10.08 -2.92 2.05
N CYS A 23 9.45 -3.87 1.37
CA CYS A 23 9.44 -5.26 1.81
C CYS A 23 8.73 -5.39 3.15
N ASP A 24 7.62 -4.68 3.29
CA ASP A 24 6.84 -4.72 4.54
C ASP A 24 5.37 -5.00 4.24
N ARG A 25 5.05 -6.25 3.99
CA ARG A 25 3.67 -6.64 3.69
C ARG A 25 2.75 -6.29 4.85
N GLN A 26 3.30 -6.27 6.06
CA GLN A 26 2.52 -5.95 7.25
C GLN A 26 2.15 -4.47 7.29
N LEU A 27 3.06 -3.63 6.77
CA LEU A 27 2.84 -2.20 6.75
C LEU A 27 1.87 -1.81 5.64
N ASN A 28 2.17 -2.26 4.42
CA ASN A 28 1.32 -1.97 3.27
C ASN A 28 -0.12 -2.37 3.54
N LEU A 29 -0.31 -3.38 4.40
CA LEU A 29 -1.63 -3.86 4.74
C LEU A 29 -2.31 -2.92 5.74
N ARG A 30 -1.61 -2.62 6.83
CA ARG A 30 -2.14 -1.74 7.86
C ARG A 30 -2.31 -0.32 7.32
N LEU A 31 -1.49 0.04 6.34
CA LEU A 31 -1.54 1.37 5.74
C LEU A 31 -2.76 1.51 4.84
N LEU A 32 -2.96 0.53 3.95
CA LEU A 32 -4.08 0.54 3.03
C LEU A 32 -5.39 0.78 3.77
N LYS A 33 -5.63 -0.01 4.82
CA LYS A 33 -6.84 0.12 5.62
C LYS A 33 -6.93 1.50 6.26
N LYS A 34 -5.77 2.10 6.52
CA LYS A 34 -5.72 3.42 7.12
C LYS A 34 -6.05 4.50 6.11
N HIS A 35 -5.49 4.38 4.91
CA HIS A 35 -5.73 5.34 3.84
C HIS A 35 -6.98 4.98 3.05
N ASN A 36 -7.62 3.87 3.43
CA ASN A 36 -8.82 3.42 2.76
C ASN A 36 -8.52 2.98 1.32
N TYR A 37 -7.65 1.99 1.19
CA TYR A 37 -7.26 1.48 -0.12
C TYR A 37 -6.66 2.59 -0.98
N ASN A 38 -5.67 3.29 -0.42
CA ASN A 38 -5.01 4.38 -1.13
C ASN A 38 -3.50 4.14 -1.20
N ILE A 39 -3.08 3.35 -2.17
CA ILE A 39 -1.66 3.04 -2.34
C ILE A 39 -0.83 4.32 -2.39
N LEU A 40 -1.35 5.35 -3.06
CA LEU A 40 -0.66 6.62 -3.18
C LEU A 40 -0.24 7.14 -1.81
N GLN A 41 -1.19 7.20 -0.88
CA GLN A 41 -0.92 7.68 0.46
C GLN A 41 -0.13 6.65 1.25
N VAL A 42 -0.36 5.38 0.96
CA VAL A 42 0.32 4.29 1.65
C VAL A 42 1.83 4.40 1.48
N VAL A 43 2.29 4.37 0.23
CA VAL A 43 3.70 4.47 -0.08
C VAL A 43 4.30 5.74 0.50
N THR A 44 3.60 6.85 0.33
CA THR A 44 4.06 8.13 0.84
C THR A 44 4.33 8.08 2.33
N GLU A 45 3.48 7.36 3.05
CA GLU A 45 3.61 7.23 4.50
C GLU A 45 4.87 6.43 4.84
N LEU A 46 5.01 5.27 4.22
CA LEU A 46 6.17 4.40 4.46
C LEU A 46 7.47 5.16 4.22
N LEU A 47 7.48 6.00 3.20
CA LEU A 47 8.66 6.79 2.86
C LEU A 47 8.89 7.90 3.89
N GLN A 48 7.87 8.75 4.06
CA GLN A 48 7.95 9.84 5.01
C GLN A 48 8.35 9.34 6.39
N LEU A 49 7.76 8.23 6.81
CA LEU A 49 8.06 7.65 8.12
C LEU A 49 9.54 7.35 8.26
N ASN A 50 10.16 6.90 7.16
CA ASN A 50 11.58 6.58 7.18
C ASN A 50 12.41 7.82 7.43
N ASN A 51 12.05 8.92 6.78
CA ASN A 51 12.76 10.18 6.93
C ASN A 51 14.24 10.01 6.57
N ASN A 52 14.53 9.04 5.70
CA ASN A 52 15.90 8.79 5.27
C ASN A 52 16.52 10.04 4.67
N GLY A 1 -22.01 -2.99 0.07
CA GLY A 1 -21.71 -2.03 -0.96
C GLY A 1 -21.04 -2.65 -2.16
N PRO A 2 -19.74 -2.98 -2.00
CA PRO A 2 -18.95 -3.60 -3.07
C PRO A 2 -19.37 -5.04 -3.37
N LEU A 3 -19.52 -5.83 -2.31
CA LEU A 3 -19.94 -7.22 -2.44
C LEU A 3 -18.99 -7.97 -3.37
N GLY A 4 -17.69 -7.66 -3.26
CA GLY A 4 -16.69 -8.32 -4.10
C GLY A 4 -16.08 -7.38 -5.10
N SER A 5 -14.96 -6.76 -4.72
CA SER A 5 -14.26 -5.83 -5.60
C SER A 5 -12.99 -6.45 -6.15
N SER A 6 -12.25 -5.68 -6.95
CA SER A 6 -11.01 -6.16 -7.55
C SER A 6 -9.88 -6.14 -6.54
N GLU A 7 -9.68 -7.27 -5.85
CA GLU A 7 -8.62 -7.38 -4.85
C GLU A 7 -7.27 -7.59 -5.52
N ASP A 8 -7.29 -8.19 -6.71
CA ASP A 8 -6.06 -8.45 -7.44
C ASP A 8 -5.27 -7.16 -7.66
N GLN A 9 -5.98 -6.05 -7.74
CA GLN A 9 -5.35 -4.75 -7.94
C GLN A 9 -4.34 -4.45 -6.83
N THR A 10 -4.77 -4.64 -5.58
CA THR A 10 -3.91 -4.39 -4.43
C THR A 10 -2.59 -5.14 -4.56
N ALA A 11 -2.65 -6.35 -5.10
CA ALA A 11 -1.45 -7.16 -5.28
C ALA A 11 -0.41 -6.42 -6.10
N ALA A 12 -0.85 -5.68 -7.11
CA ALA A 12 0.05 -4.92 -7.97
C ALA A 12 0.62 -3.71 -7.23
N LEU A 13 -0.26 -2.99 -6.54
CA LEU A 13 0.15 -1.80 -5.79
C LEU A 13 1.22 -2.15 -4.76
N MET A 14 1.10 -3.34 -4.17
CA MET A 14 2.06 -3.79 -3.16
C MET A 14 3.46 -3.90 -3.77
N ALA A 15 3.52 -4.30 -5.04
CA ALA A 15 4.80 -4.44 -5.72
C ALA A 15 5.49 -3.08 -5.89
N HIS A 16 4.69 -2.02 -5.95
CA HIS A 16 5.23 -0.68 -6.12
C HIS A 16 6.04 -0.27 -4.89
N LEU A 17 5.62 -0.73 -3.73
CA LEU A 17 6.32 -0.41 -2.48
C LEU A 17 7.58 -1.25 -2.33
N PHE A 18 7.44 -2.54 -2.61
CA PHE A 18 8.57 -3.47 -2.50
C PHE A 18 9.70 -3.05 -3.44
N GLU A 19 9.35 -2.39 -4.53
CA GLU A 19 10.33 -1.93 -5.50
C GLU A 19 11.25 -0.87 -4.90
N MET A 20 10.76 -0.19 -3.86
CA MET A 20 11.53 0.84 -3.19
C MET A 20 12.49 0.24 -2.17
N GLY A 21 12.01 -0.77 -1.45
CA GLY A 21 12.83 -1.42 -0.44
C GLY A 21 12.19 -1.40 0.93
N PHE A 22 10.86 -1.40 0.97
CA PHE A 22 10.13 -1.37 2.23
C PHE A 22 10.04 -2.77 2.83
N CYS A 23 9.55 -3.72 2.05
CA CYS A 23 9.40 -5.09 2.51
C CYS A 23 8.50 -5.17 3.74
N ASP A 24 7.30 -4.64 3.60
CA ASP A 24 6.33 -4.64 4.70
C ASP A 24 4.91 -4.87 4.18
N ARG A 25 4.59 -6.12 3.90
CA ARG A 25 3.27 -6.47 3.39
C ARG A 25 2.19 -6.13 4.40
N GLN A 26 2.55 -6.16 5.69
CA GLN A 26 1.62 -5.85 6.76
C GLN A 26 1.30 -4.36 6.79
N LEU A 27 2.27 -3.55 6.42
CA LEU A 27 2.10 -2.10 6.41
C LEU A 27 1.29 -1.66 5.20
N ASN A 28 1.72 -2.09 4.02
CA ASN A 28 1.04 -1.74 2.78
C ASN A 28 -0.44 -2.08 2.86
N LEU A 29 -0.77 -3.10 3.65
CA LEU A 29 -2.15 -3.53 3.83
C LEU A 29 -2.92 -2.56 4.73
N ARG A 30 -2.36 -2.29 5.91
CA ARG A 30 -2.99 -1.38 6.85
C ARG A 30 -3.02 0.04 6.30
N LEU A 31 -2.04 0.37 5.46
CA LEU A 31 -1.96 1.70 4.86
C LEU A 31 -3.02 1.88 3.78
N LEU A 32 -3.09 0.92 2.86
CA LEU A 32 -4.06 0.97 1.78
C LEU A 32 -5.47 1.22 2.32
N LYS A 33 -5.86 0.44 3.31
CA LYS A 33 -7.19 0.57 3.92
C LYS A 33 -7.34 1.94 4.59
N LYS A 34 -6.20 2.53 4.98
CA LYS A 34 -6.21 3.82 5.63
C LYS A 34 -6.46 4.95 4.62
N HIS A 35 -5.79 4.86 3.48
CA HIS A 35 -5.94 5.86 2.42
C HIS A 35 -7.02 5.46 1.44
N ASN A 36 -7.65 4.32 1.69
CA ASN A 36 -8.71 3.81 0.83
C ASN A 36 -8.15 3.44 -0.55
N TYR A 37 -7.29 2.42 -0.58
CA TYR A 37 -6.68 1.96 -1.82
C TYR A 37 -5.93 3.10 -2.50
N ASN A 38 -5.07 3.77 -1.74
CA ASN A 38 -4.28 4.89 -2.27
C ASN A 38 -2.79 4.58 -2.17
N ILE A 39 -2.28 3.80 -3.12
CA ILE A 39 -0.86 3.45 -3.14
C ILE A 39 0.02 4.69 -3.05
N LEU A 40 -0.40 5.76 -3.70
CA LEU A 40 0.35 7.02 -3.69
C LEU A 40 0.62 7.47 -2.26
N GLN A 41 -0.43 7.54 -1.45
CA GLN A 41 -0.30 7.96 -0.07
C GLN A 41 0.37 6.88 0.77
N VAL A 42 0.10 5.62 0.43
CA VAL A 42 0.68 4.49 1.15
C VAL A 42 2.21 4.52 1.09
N VAL A 43 2.75 4.51 -0.12
CA VAL A 43 4.19 4.54 -0.31
C VAL A 43 4.81 5.74 0.40
N THR A 44 4.26 6.93 0.15
CA THR A 44 4.77 8.15 0.77
C THR A 44 4.79 8.03 2.29
N GLU A 45 3.75 7.40 2.84
CA GLU A 45 3.65 7.23 4.28
C GLU A 45 4.82 6.40 4.81
N LEU A 46 4.98 5.19 4.27
CA LEU A 46 6.05 4.31 4.69
C LEU A 46 7.41 5.02 4.61
N LEU A 47 7.54 5.92 3.63
CA LEU A 47 8.78 6.66 3.45
C LEU A 47 9.05 7.58 4.63
N GLN A 48 8.15 8.55 4.85
CA GLN A 48 8.31 9.49 5.95
C GLN A 48 8.34 8.75 7.29
N LEU A 49 7.50 7.73 7.41
CA LEU A 49 7.44 6.95 8.64
C LEU A 49 8.79 6.31 8.96
N ASN A 50 9.47 5.84 7.92
CA ASN A 50 10.77 5.21 8.09
C ASN A 50 11.89 6.13 7.61
N ASN A 51 11.65 7.43 7.69
CA ASN A 51 12.62 8.43 7.27
C ASN A 51 13.96 8.19 7.96
N ASN A 52 13.92 7.73 9.20
CA ASN A 52 15.13 7.46 9.97
C ASN A 52 16.01 6.46 9.24
#